data_4RUL
#
_entry.id   4RUL
#
_cell.length_a   85.613
_cell.length_b   80.295
_cell.length_c   97.475
_cell.angle_alpha   90.00
_cell.angle_beta   91.26
_cell.angle_gamma   90.00
#
_symmetry.space_group_name_H-M   'P 1 21 1'
#
loop_
_entity.id
_entity.type
_entity.pdbx_description
1 polymer 'DNA topoisomerase 1'
2 polymer 'single strand DNA'
3 non-polymer 'ZINC ION'
4 non-polymer 'SULFATE ION'
5 non-polymer GLYCEROL
6 water water
#
loop_
_entity_poly.entity_id
_entity_poly.type
_entity_poly.pdbx_seq_one_letter_code
_entity_poly.pdbx_strand_id
1 'polypeptide(L)'
;SNAGKALVIVESPAKAKTINKYLGSDYVVKSSVGHIRDLPTSGSAAKKSADSTSTKTAKKPKKDERGALVNRMGVDPWHN
WEAHYEVLPGKEKVVSELKQLAEKADHIYLATDLDREGEAIAWHLREVIGGDDARYSRVVFNEITKNAIRQAFNKPGELN
IDRVNAQQARRFMDRVVGYMVSPLLWKKIARGLSAGRVQSVAVRLVVEREREIKAFVPEEFWEVDASTTTPSGEALALQV
THQNDKPFRPVNKEQTQAAVSLLEKARYSVLEREDKPTTSKPGAPFITSTLQQAASTRLGFGVKKTMMMAQRLYEAGYIT
YMRTDSTNLSQDAVNMVRGYISDNFGKKYLPESPNQYASKENSQEAHEAIRPSDVNVMAESLKDMEADAQKLYQLIWRQF
VACQMTPAKYDSTTLTVGAGDFRLKARGRILRFDGWTKVMPALRKGDEDRILPAVNKGDALTLVELTPAQHFTKPPARFS
EASLVKELEKRGIGRPSTYASIISTIQDRGYVRVENRRFYAEKMGEIVTDRLEENFRELMNYDFTAQMENSLDQVANHEA
EWKAVLDHFFSDFTQQLDKAEKDPEEGGMRPNQMVLTSIDCPTCGRKMGIRTASTGVFLGCSGYALPPKERCKTTINLVP
ENEVLNVLEGEDAETNALRAKRRCPKCGTAMDSYLIDPKRKLHVCGNNPTCDGYEIEEGEFRIKGYDGPIVECEKCGSEM
HLKMGRFGKYMACTNEECKNTRKILRNGEVAPPKEDPVPLPELPCEKSDAYFVLRDGAAGVFLAANTFPKSRETRAPLVE
ELYRFRDRLPEKLRYLADAPQQDPEGNKTMVRFSRKTKQQYVSSEKDGKATGWSAFYVDGKWVEGKK
;
A
2 'polydeoxyribonucleotide'
;(DG)(DC)(DT)(DA)(DA)(DA)(DC)(DC)(DT)(DG)(DA)(DA)(DA)(DG)(DA)(DT)(DT)(DA)(DT)(DG)
(DC)(DG)(DA)(DT)(DT)(DT)(DG)(DG)(DG)
;
B
#
loop_
_chem_comp.id
_chem_comp.type
_chem_comp.name
_chem_comp.formula
DA DNA linking 2'-DEOXYADENOSINE-5'-MONOPHOSPHATE 'C10 H14 N5 O6 P'
DC DNA linking 2'-DEOXYCYTIDINE-5'-MONOPHOSPHATE 'C9 H14 N3 O7 P'
DG DNA linking 2'-DEOXYGUANOSINE-5'-MONOPHOSPHATE 'C10 H14 N5 O7 P'
DT DNA linking THYMIDINE-5'-MONOPHOSPHATE 'C10 H15 N2 O8 P'
GOL non-polymer GLYCEROL 'C3 H8 O3'
SO4 non-polymer 'SULFATE ION' 'O4 S -2'
ZN non-polymer 'ZINC ION' 'Zn 2'
#
# COMPACT_ATOMS: atom_id res chain seq x y z
N GLY A 4 -19.76 9.84 42.46
CA GLY A 4 -19.23 10.77 41.47
C GLY A 4 -17.74 10.58 41.24
N LYS A 5 -17.32 10.73 39.99
CA LYS A 5 -15.93 10.52 39.62
C LYS A 5 -15.56 11.26 38.33
N ALA A 6 -14.38 10.96 37.81
CA ALA A 6 -13.93 11.57 36.56
C ALA A 6 -14.00 10.57 35.42
N LEU A 7 -14.54 11.00 34.28
CA LEU A 7 -14.65 10.13 33.11
C LEU A 7 -13.52 10.38 32.12
N VAL A 8 -12.86 9.30 31.70
CA VAL A 8 -11.78 9.38 30.73
C VAL A 8 -12.15 8.61 29.46
N ILE A 9 -12.17 9.29 28.33
CA ILE A 9 -12.57 8.67 27.08
C ILE A 9 -11.37 8.50 26.13
N VAL A 10 -11.17 7.27 25.68
CA VAL A 10 -10.13 6.98 24.70
C VAL A 10 -10.75 6.31 23.47
N GLU A 11 -9.94 6.00 22.47
CA GLU A 11 -10.45 5.48 21.21
C GLU A 11 -10.12 4.00 21.01
N SER A 12 -9.48 3.39 22.00
CA SER A 12 -9.07 1.99 21.91
C SER A 12 -9.12 1.31 23.28
N PRO A 13 -9.68 0.10 23.33
CA PRO A 13 -9.71 -0.67 24.58
C PRO A 13 -8.30 -1.02 25.03
N ALA A 14 -7.42 -1.30 24.06
CA ALA A 14 -6.02 -1.57 24.34
C ALA A 14 -5.36 -0.35 24.99
N LYS A 15 -5.76 0.83 24.52
CA LYS A 15 -5.28 2.09 25.09
C LYS A 15 -5.96 2.35 26.44
N ALA A 16 -7.17 1.82 26.59
CA ALA A 16 -7.92 1.98 27.83
C ALA A 16 -7.30 1.22 28.98
N LYS A 17 -6.93 -0.03 28.73
CA LYS A 17 -6.34 -0.88 29.78
C LYS A 17 -4.97 -0.40 30.25
N THR A 18 -4.18 0.13 29.32
CA THR A 18 -2.82 0.57 29.64
C THR A 18 -2.80 1.87 30.44
N ILE A 19 -3.67 2.80 30.08
CA ILE A 19 -3.77 4.08 30.79
C ILE A 19 -4.46 3.88 32.14
N ASN A 20 -5.21 2.78 32.26
CA ASN A 20 -5.89 2.45 33.51
C ASN A 20 -4.91 2.06 34.60
N LYS A 21 -3.73 1.58 34.18
CA LYS A 21 -2.69 1.15 35.10
C LYS A 21 -2.08 2.34 35.86
N TYR A 22 -2.34 3.54 35.37
CA TYR A 22 -1.78 4.75 35.94
C TYR A 22 -2.86 5.73 36.37
N LEU A 23 -4.10 5.25 36.38
CA LEU A 23 -5.24 6.03 36.85
C LEU A 23 -6.02 5.22 37.88
N GLY A 24 -6.19 5.78 39.08
CA GLY A 24 -6.86 5.07 40.15
C GLY A 24 -7.99 5.84 40.80
N SER A 25 -8.77 5.14 41.62
CA SER A 25 -9.84 5.73 42.41
C SER A 25 -10.94 6.38 41.58
N ASP A 26 -10.92 7.72 41.52
CA ASP A 26 -11.98 8.49 40.90
C ASP A 26 -11.86 8.61 39.39
N TYR A 27 -10.98 7.82 38.79
CA TYR A 27 -10.83 7.82 37.33
C TYR A 27 -11.40 6.56 36.72
N VAL A 28 -12.43 6.72 35.89
CA VAL A 28 -13.01 5.59 35.18
C VAL A 28 -12.87 5.79 33.66
N VAL A 29 -12.29 4.81 32.99
CA VAL A 29 -11.99 4.92 31.58
C VAL A 29 -12.99 4.17 30.71
N LYS A 30 -13.25 4.71 29.52
CA LYS A 30 -14.13 4.07 28.55
C LYS A 30 -13.59 4.32 27.15
N SER A 31 -13.76 3.36 26.26
CA SER A 31 -13.27 3.48 24.90
C SER A 31 -14.41 3.48 23.89
N SER A 32 -14.48 4.51 23.05
CA SER A 32 -15.40 4.52 21.93
C SER A 32 -14.73 3.83 20.75
N VAL A 33 -15.00 2.54 20.59
CA VAL A 33 -14.36 1.73 19.56
C VAL A 33 -14.54 2.31 18.17
N GLY A 34 -13.55 3.10 17.73
CA GLY A 34 -13.59 3.72 16.42
C GLY A 34 -14.29 5.07 16.40
N HIS A 35 -14.55 5.57 15.20
CA HIS A 35 -15.27 6.83 15.04
C HIS A 35 -16.75 6.62 15.40
N ILE A 36 -17.41 7.70 15.82
CA ILE A 36 -18.82 7.63 16.21
C ILE A 36 -19.63 8.65 15.43
N ARG A 37 -18.92 9.61 14.85
CA ARG A 37 -19.57 10.73 14.17
C ARG A 37 -18.70 11.23 13.04
N ASP A 38 -19.27 11.29 11.84
CA ASP A 38 -18.55 11.71 10.65
C ASP A 38 -19.56 12.04 9.55
N LEU A 39 -19.06 12.59 8.45
CA LEU A 39 -19.88 12.90 7.29
C LEU A 39 -20.48 11.62 6.70
N PRO A 40 -21.60 11.74 5.98
CA PRO A 40 -22.25 10.61 5.30
C PRO A 40 -21.28 9.78 4.47
N THR A 41 -21.61 8.51 4.27
CA THR A 41 -20.78 7.61 3.47
C THR A 41 -21.65 6.72 2.58
N LYS A 63 -30.36 24.46 -8.23
CA LYS A 63 -30.98 24.41 -6.90
C LYS A 63 -31.43 22.99 -6.57
N ASP A 64 -31.63 22.18 -7.59
CA ASP A 64 -32.03 20.78 -7.42
C ASP A 64 -30.79 19.87 -7.38
N GLU A 65 -29.98 19.96 -8.42
CA GLU A 65 -28.76 19.15 -8.52
C GLU A 65 -27.77 19.51 -7.41
N ARG A 66 -27.60 20.80 -7.17
CA ARG A 66 -26.69 21.29 -6.14
C ARG A 66 -27.13 20.85 -4.74
N GLY A 67 -28.43 20.87 -4.50
CA GLY A 67 -28.99 20.47 -3.22
C GLY A 67 -28.77 19.01 -2.89
N ALA A 68 -28.88 18.16 -3.91
CA ALA A 68 -28.65 16.73 -3.72
C ALA A 68 -27.16 16.45 -3.52
N LEU A 69 -26.33 17.36 -4.01
CA LEU A 69 -24.88 17.24 -3.87
C LEU A 69 -24.43 17.47 -2.43
N VAL A 70 -24.97 18.52 -1.80
CA VAL A 70 -24.60 18.87 -0.44
C VAL A 70 -25.13 17.87 0.58
N ASN A 71 -26.23 17.19 0.23
CA ASN A 71 -26.77 16.12 1.06
C ASN A 71 -25.85 14.90 1.02
N ARG A 72 -25.26 14.66 -0.16
CA ARG A 72 -24.34 13.55 -0.36
C ARG A 72 -23.03 13.81 0.38
N MET A 73 -22.52 15.04 0.25
CA MET A 73 -21.31 15.44 0.94
C MET A 73 -21.55 15.54 2.45
N GLY A 74 -22.45 16.43 2.83
CA GLY A 74 -22.65 16.77 4.22
C GLY A 74 -21.95 18.07 4.52
N VAL A 75 -21.70 18.85 3.47
CA VAL A 75 -21.02 20.13 3.56
C VAL A 75 -21.60 21.10 2.53
N ASP A 76 -21.90 22.33 2.95
CA ASP A 76 -22.49 23.32 2.06
C ASP A 76 -21.53 24.49 1.81
N PRO A 77 -20.69 24.38 0.76
CA PRO A 77 -19.70 25.39 0.41
C PRO A 77 -20.31 26.75 0.09
N TRP A 78 -21.59 26.74 -0.28
CA TRP A 78 -22.29 27.98 -0.63
C TRP A 78 -23.04 28.58 0.56
N HIS A 79 -23.09 27.83 1.66
CA HIS A 79 -23.70 28.32 2.89
C HIS A 79 -22.71 28.33 4.04
N ASN A 80 -21.54 28.91 3.78
CA ASN A 80 -20.50 29.10 4.79
C ASN A 80 -20.09 27.79 5.46
N TRP A 81 -19.98 26.74 4.65
CA TRP A 81 -19.48 25.44 5.09
C TRP A 81 -20.24 24.84 6.27
N GLU A 82 -21.57 24.95 6.22
CA GLU A 82 -22.40 24.30 7.22
C GLU A 82 -22.32 22.79 7.03
N ALA A 83 -21.98 22.08 8.10
CA ALA A 83 -21.80 20.64 8.01
C ALA A 83 -22.91 19.86 8.73
N HIS A 84 -23.32 18.75 8.14
CA HIS A 84 -24.34 17.88 8.72
C HIS A 84 -23.74 16.53 9.05
N TYR A 85 -23.19 16.40 10.26
CA TYR A 85 -22.60 15.14 10.69
C TYR A 85 -23.67 14.12 11.04
N GLU A 86 -23.40 12.86 10.74
CA GLU A 86 -24.32 11.79 11.04
C GLU A 86 -23.61 10.66 11.78
N VAL A 87 -24.25 10.14 12.82
CA VAL A 87 -23.70 9.05 13.60
C VAL A 87 -23.52 7.79 12.76
N LEU A 88 -22.38 7.13 12.91
CA LEU A 88 -22.07 5.93 12.16
C LEU A 88 -23.00 4.78 12.56
N PRO A 89 -23.30 3.89 11.60
CA PRO A 89 -24.16 2.72 11.88
C PRO A 89 -23.47 1.74 12.82
N GLY A 90 -24.24 1.10 13.68
CA GLY A 90 -23.70 0.14 14.63
C GLY A 90 -22.96 0.80 15.78
N LYS A 91 -23.06 2.12 15.86
CA LYS A 91 -22.40 2.89 16.92
C LYS A 91 -23.41 3.57 17.82
N GLU A 92 -24.69 3.35 17.53
CA GLU A 92 -25.78 3.95 18.30
C GLU A 92 -25.78 3.45 19.74
N LYS A 93 -25.42 2.18 19.91
CA LYS A 93 -25.43 1.54 21.24
C LYS A 93 -24.26 2.02 22.10
N VAL A 94 -23.14 2.37 21.46
CA VAL A 94 -21.97 2.84 22.18
C VAL A 94 -22.14 4.29 22.64
N VAL A 95 -22.72 5.11 21.78
CA VAL A 95 -22.98 6.52 22.10
C VAL A 95 -23.85 6.67 23.34
N SER A 96 -25.00 6.01 23.32
CA SER A 96 -25.93 6.03 24.46
C SER A 96 -25.26 5.50 25.72
N GLU A 97 -24.51 4.41 25.57
CA GLU A 97 -23.75 3.85 26.68
C GLU A 97 -22.72 4.86 27.19
N LEU A 98 -22.19 5.66 26.27
CA LEU A 98 -21.22 6.69 26.62
C LEU A 98 -21.92 7.93 27.15
N LYS A 99 -23.11 8.21 26.63
CA LYS A 99 -23.91 9.34 27.09
C LYS A 99 -24.35 9.16 28.53
N GLN A 100 -24.76 7.94 28.86
CA GLN A 100 -25.20 7.61 30.22
C GLN A 100 -24.08 7.78 31.24
N LEU A 101 -22.91 7.22 30.92
CA LEU A 101 -21.76 7.25 31.82
C LEU A 101 -21.26 8.67 32.08
N ALA A 102 -21.49 9.57 31.12
CA ALA A 102 -21.04 10.95 31.23
C ALA A 102 -21.73 11.69 32.38
N GLU A 103 -23.06 11.67 32.38
CA GLU A 103 -23.85 12.36 33.41
C GLU A 103 -23.51 11.91 34.83
N LYS A 104 -23.08 10.66 34.96
CA LYS A 104 -22.71 10.11 36.26
C LYS A 104 -21.36 10.64 36.74
N ALA A 105 -20.67 11.37 35.88
CA ALA A 105 -19.34 11.90 36.21
C ALA A 105 -19.35 13.43 36.31
N ASP A 106 -18.55 13.95 37.24
CA ASP A 106 -18.45 15.39 37.45
C ASP A 106 -17.67 16.08 36.34
N HIS A 107 -16.53 15.51 35.98
CA HIS A 107 -15.68 16.08 34.94
C HIS A 107 -15.35 15.03 33.88
N ILE A 108 -15.07 15.48 32.66
CA ILE A 108 -14.75 14.57 31.57
C ILE A 108 -13.36 14.85 31.00
N TYR A 109 -12.54 13.81 30.90
CA TYR A 109 -11.20 13.93 30.34
C TYR A 109 -11.12 13.27 28.97
N LEU A 110 -10.81 14.07 27.96
CA LEU A 110 -10.64 13.56 26.60
C LEU A 110 -9.18 13.16 26.40
N ALA A 111 -8.93 11.85 26.39
CA ALA A 111 -7.58 11.33 26.30
C ALA A 111 -7.27 10.75 24.92
N THR A 112 -7.76 11.40 23.87
CA THR A 112 -7.48 10.97 22.51
C THR A 112 -6.01 11.13 22.18
N ASP A 113 -5.61 10.77 20.97
CA ASP A 113 -4.22 10.87 20.59
C ASP A 113 -3.75 12.31 20.38
N LEU A 114 -2.44 12.45 20.22
CA LEU A 114 -1.75 13.73 20.21
C LEU A 114 -2.16 14.67 19.08
N ASP A 115 -2.14 14.15 17.86
CA ASP A 115 -2.31 14.95 16.64
C ASP A 115 -3.67 15.63 16.51
N ARG A 116 -3.86 16.34 15.40
CA ARG A 116 -5.09 17.08 15.15
C ARG A 116 -6.28 16.16 14.96
N GLU A 117 -6.06 15.06 14.26
CA GLU A 117 -7.10 14.07 14.02
C GLU A 117 -7.72 13.64 15.35
N GLY A 118 -6.87 13.38 16.34
CA GLY A 118 -7.34 13.05 17.66
C GLY A 118 -8.13 14.17 18.31
N GLU A 119 -7.70 15.40 18.08
CA GLU A 119 -8.39 16.57 18.60
C GLU A 119 -9.80 16.63 18.03
N ALA A 120 -9.91 16.39 16.72
CA ALA A 120 -11.19 16.38 16.05
C ALA A 120 -12.07 15.22 16.51
N ILE A 121 -11.44 14.09 16.85
CA ILE A 121 -12.14 12.95 17.41
C ILE A 121 -12.69 13.29 18.80
N ALA A 122 -11.88 13.99 19.59
CA ALA A 122 -12.29 14.43 20.92
C ALA A 122 -13.43 15.45 20.83
N TRP A 123 -13.40 16.28 19.80
CA TRP A 123 -14.44 17.27 19.58
C TRP A 123 -15.78 16.63 19.25
N HIS A 124 -15.74 15.57 18.45
CA HIS A 124 -16.94 14.82 18.11
C HIS A 124 -17.55 14.18 19.35
N LEU A 125 -16.68 13.79 20.29
CA LEU A 125 -17.14 13.24 21.57
C LEU A 125 -17.93 14.27 22.35
N ARG A 126 -17.31 15.43 22.60
CA ARG A 126 -17.95 16.51 23.34
C ARG A 126 -19.27 16.94 22.70
N GLU A 127 -19.33 16.86 21.37
CA GLU A 127 -20.50 17.32 20.63
C GLU A 127 -21.71 16.41 20.83
N VAL A 128 -21.47 15.10 20.89
CA VAL A 128 -22.57 14.14 21.05
C VAL A 128 -22.98 13.95 22.51
N ILE A 129 -22.04 14.20 23.44
CA ILE A 129 -22.35 14.10 24.85
C ILE A 129 -23.19 15.29 25.30
N GLY A 130 -22.63 16.49 25.17
CA GLY A 130 -23.32 17.70 25.57
C GLY A 130 -22.83 18.19 26.92
N GLY A 131 -23.27 19.39 27.30
CA GLY A 131 -22.83 20.00 28.54
C GLY A 131 -22.03 21.25 28.29
N ASP A 132 -21.57 21.89 29.36
CA ASP A 132 -20.77 23.11 29.23
C ASP A 132 -19.33 22.78 28.87
N ASP A 133 -18.62 23.76 28.32
CA ASP A 133 -17.23 23.57 27.93
C ASP A 133 -16.33 23.25 29.12
N ALA A 134 -16.62 23.89 30.26
CA ALA A 134 -15.84 23.69 31.47
C ALA A 134 -15.99 22.28 32.05
N ARG A 135 -16.96 21.54 31.52
CA ARG A 135 -17.21 20.17 31.96
C ARG A 135 -16.22 19.20 31.34
N TYR A 136 -15.52 19.66 30.30
CA TYR A 136 -14.56 18.81 29.59
C TYR A 136 -13.13 19.29 29.76
N SER A 137 -12.19 18.40 29.48
CA SER A 137 -10.78 18.75 29.45
C SER A 137 -10.03 17.90 28.42
N ARG A 138 -8.91 18.44 27.93
CA ARG A 138 -8.12 17.78 26.91
C ARG A 138 -6.73 17.46 27.45
N VAL A 139 -6.45 16.18 27.67
CA VAL A 139 -5.13 15.77 28.11
C VAL A 139 -4.27 15.36 26.93
N VAL A 140 -2.95 15.48 27.09
CA VAL A 140 -2.01 15.32 25.99
C VAL A 140 -0.75 14.62 26.47
N PHE A 141 -0.32 13.58 25.74
CA PHE A 141 0.85 12.81 26.14
C PHE A 141 1.59 12.17 24.95
N ASN A 142 2.92 12.13 25.04
CA ASN A 142 3.75 11.52 24.01
C ASN A 142 3.81 10.01 24.18
N GLU A 143 3.64 9.57 25.42
CA GLU A 143 3.74 8.16 25.76
C GLU A 143 2.79 7.82 26.90
N ILE A 144 2.49 6.53 27.06
CA ILE A 144 1.62 6.09 28.14
C ILE A 144 2.45 5.45 29.26
N THR A 145 3.01 6.30 30.10
CA THR A 145 3.79 5.86 31.24
C THR A 145 3.24 6.52 32.50
N LYS A 146 3.69 6.06 33.67
CA LYS A 146 3.23 6.61 34.94
C LYS A 146 3.48 8.11 35.03
N ASN A 147 4.72 8.50 34.76
CA ASN A 147 5.11 9.90 34.84
C ASN A 147 4.37 10.78 33.83
N ALA A 148 4.40 10.37 32.57
CA ALA A 148 3.81 11.15 31.48
C ALA A 148 2.31 11.36 31.63
N ILE A 149 1.61 10.36 32.16
CA ILE A 149 0.17 10.48 32.41
C ILE A 149 -0.09 11.39 33.61
N ARG A 150 0.74 11.27 34.64
CA ARG A 150 0.65 12.13 35.81
C ARG A 150 0.76 13.59 35.42
N GLN A 151 1.74 13.90 34.56
CA GLN A 151 1.97 15.27 34.11
C GLN A 151 0.82 15.79 33.26
N ALA A 152 0.15 14.91 32.53
CA ALA A 152 -0.93 15.31 31.64
C ALA A 152 -2.18 15.75 32.41
N PHE A 153 -2.51 15.01 33.46
CA PHE A 153 -3.68 15.33 34.29
C PHE A 153 -3.35 16.34 35.38
N ASN A 154 -2.07 16.60 35.57
CA ASN A 154 -1.61 17.59 36.54
C ASN A 154 -2.16 18.97 36.19
N LYS A 155 -2.07 19.32 34.92
CA LYS A 155 -2.61 20.58 34.43
C LYS A 155 -3.23 20.40 33.05
N PRO A 156 -4.44 19.84 32.99
CA PRO A 156 -5.12 19.56 31.72
C PRO A 156 -5.47 20.84 30.99
N GLY A 157 -5.39 20.82 29.67
CA GLY A 157 -5.72 21.99 28.86
C GLY A 157 -7.12 21.90 28.29
N GLU A 158 -7.51 22.93 27.55
CA GLU A 158 -8.82 22.95 26.90
C GLU A 158 -8.75 22.33 25.51
N LEU A 159 -9.90 22.10 24.90
CA LEU A 159 -9.96 21.60 23.54
C LEU A 159 -9.53 22.71 22.58
N ASN A 160 -8.45 22.49 21.85
CA ASN A 160 -7.97 23.47 20.89
C ASN A 160 -8.83 23.48 19.64
N ILE A 161 -9.66 24.51 19.50
CA ILE A 161 -10.58 24.63 18.38
C ILE A 161 -9.83 24.90 17.07
N ASP A 162 -8.74 25.65 17.15
CA ASP A 162 -7.93 25.97 15.97
C ASP A 162 -7.39 24.70 15.31
N ARG A 163 -7.01 23.73 16.13
CA ARG A 163 -6.50 22.46 15.63
C ARG A 163 -7.61 21.57 15.08
N VAL A 164 -8.81 21.68 15.65
CA VAL A 164 -9.97 20.94 15.17
C VAL A 164 -10.38 21.44 13.79
N ASN A 165 -10.43 22.77 13.64
CA ASN A 165 -10.75 23.39 12.36
C ASN A 165 -9.76 23.02 11.27
N ALA A 166 -8.50 22.84 11.65
CA ALA A 166 -7.45 22.44 10.71
C ALA A 166 -7.70 21.04 10.15
N GLN A 167 -8.48 20.25 10.89
CA GLN A 167 -8.87 18.91 10.43
C GLN A 167 -10.11 18.98 9.57
N GLN A 168 -11.14 19.65 10.07
CA GLN A 168 -12.39 19.80 9.35
C GLN A 168 -12.21 20.51 8.01
N ALA A 169 -11.30 21.49 7.98
CA ALA A 169 -10.94 22.13 6.72
C ALA A 169 -10.42 21.07 5.76
N ARG A 170 -9.41 20.34 6.19
CA ARG A 170 -8.82 19.26 5.39
C ARG A 170 -9.87 18.22 4.99
N ARG A 171 -10.71 17.83 5.94
CA ARG A 171 -11.76 16.86 5.71
C ARG A 171 -12.76 17.33 4.65
N PHE A 172 -13.03 18.64 4.65
CA PHE A 172 -14.00 19.21 3.72
C PHE A 172 -13.43 19.34 2.31
N MET A 173 -12.18 19.78 2.22
CA MET A 173 -11.50 19.89 0.94
C MET A 173 -11.39 18.52 0.28
N ASP A 174 -11.12 17.50 1.10
CA ASP A 174 -10.98 16.13 0.63
C ASP A 174 -12.29 15.63 0.03
N ARG A 175 -13.40 16.02 0.62
CA ARG A 175 -14.71 15.55 0.17
C ARG A 175 -15.23 16.34 -1.04
N VAL A 176 -15.01 17.65 -1.03
CA VAL A 176 -15.42 18.51 -2.14
C VAL A 176 -14.82 18.04 -3.46
N VAL A 177 -13.50 17.85 -3.46
CA VAL A 177 -12.79 17.31 -4.62
C VAL A 177 -13.30 15.92 -4.99
N GLY A 178 -13.42 15.06 -3.98
CA GLY A 178 -13.84 13.68 -4.21
C GLY A 178 -15.24 13.53 -4.77
N TYR A 179 -16.12 14.45 -4.42
CA TYR A 179 -17.53 14.35 -4.81
C TYR A 179 -17.93 15.27 -5.98
N MET A 180 -17.01 16.12 -6.41
CA MET A 180 -17.29 17.05 -7.50
C MET A 180 -16.45 16.84 -8.74
N VAL A 181 -15.33 16.13 -8.58
CA VAL A 181 -14.46 15.80 -9.70
C VAL A 181 -14.84 14.43 -10.26
N SER A 182 -15.20 13.51 -9.36
CA SER A 182 -15.55 12.14 -9.74
C SER A 182 -16.71 12.02 -10.75
N PRO A 183 -17.83 12.73 -10.53
CA PRO A 183 -18.90 12.65 -11.54
C PRO A 183 -18.45 13.21 -12.88
N LEU A 184 -17.52 14.16 -12.88
CA LEU A 184 -16.96 14.69 -14.12
C LEU A 184 -16.10 13.64 -14.82
N LEU A 185 -15.43 12.82 -14.03
CA LEU A 185 -14.59 11.74 -14.55
C LEU A 185 -15.42 10.64 -15.21
N TRP A 186 -16.61 10.41 -14.69
CA TRP A 186 -17.51 9.39 -15.23
C TRP A 186 -18.04 9.81 -16.59
N LYS A 187 -18.44 11.07 -16.68
CA LYS A 187 -19.03 11.61 -17.91
C LYS A 187 -18.01 11.73 -19.03
N LYS A 188 -16.78 12.07 -18.66
CA LYS A 188 -15.73 12.36 -19.64
C LYS A 188 -14.80 11.18 -19.94
N ILE A 189 -14.46 10.41 -18.90
CA ILE A 189 -13.42 9.40 -19.03
C ILE A 189 -13.97 7.97 -18.96
N ALA A 190 -14.30 7.53 -17.75
CA ALA A 190 -14.83 6.18 -17.54
C ALA A 190 -15.58 6.10 -16.22
N ARG A 191 -16.41 5.07 -16.08
CA ARG A 191 -17.18 4.88 -14.85
C ARG A 191 -16.33 4.23 -13.77
N GLY A 192 -16.76 4.40 -12.52
CA GLY A 192 -16.05 3.80 -11.39
C GLY A 192 -14.76 4.51 -11.04
N LEU A 193 -14.59 5.72 -11.56
CA LEU A 193 -13.38 6.49 -11.30
C LEU A 193 -13.54 7.36 -10.04
N SER A 194 -12.51 7.36 -9.20
CA SER A 194 -12.49 8.19 -8.01
C SER A 194 -11.39 9.23 -8.13
N ALA A 195 -11.52 10.30 -7.36
CA ALA A 195 -10.49 11.34 -7.34
C ALA A 195 -10.21 11.77 -5.90
N GLY A 196 -8.94 12.01 -5.61
CA GLY A 196 -8.54 12.48 -4.30
C GLY A 196 -7.71 13.74 -4.42
N ARG A 197 -7.80 14.61 -3.42
CA ARG A 197 -7.10 15.88 -3.44
C ARG A 197 -5.59 15.67 -3.47
N VAL A 198 -5.09 14.85 -2.55
CA VAL A 198 -3.66 14.56 -2.46
C VAL A 198 -3.31 13.24 -3.17
N GLN A 199 -4.26 12.32 -3.20
CA GLN A 199 -4.06 11.01 -3.84
C GLN A 199 -3.68 11.14 -5.33
N SER A 200 -4.33 12.06 -6.02
CA SER A 200 -4.04 12.31 -7.44
C SER A 200 -2.62 12.83 -7.61
N VAL A 201 -2.11 13.51 -6.59
CA VAL A 201 -0.76 14.06 -6.59
C VAL A 201 0.29 12.98 -6.35
N ALA A 202 -0.06 11.99 -5.52
CA ALA A 202 0.83 10.86 -5.27
C ALA A 202 0.89 9.93 -6.48
N VAL A 203 -0.27 9.69 -7.09
CA VAL A 203 -0.35 8.88 -8.31
C VAL A 203 0.52 9.46 -9.41
N ARG A 204 0.42 10.78 -9.59
CA ARG A 204 1.21 11.49 -10.59
C ARG A 204 2.71 11.20 -10.44
N LEU A 205 3.18 11.13 -9.20
CA LEU A 205 4.56 10.77 -8.91
C LEU A 205 4.91 9.39 -9.46
N VAL A 206 4.02 8.43 -9.23
CA VAL A 206 4.20 7.07 -9.73
C VAL A 206 4.12 7.04 -11.26
N VAL A 207 3.13 7.74 -11.80
CA VAL A 207 2.95 7.86 -13.26
C VAL A 207 4.21 8.42 -13.91
N GLU A 208 4.71 9.52 -13.38
CA GLU A 208 5.92 10.17 -13.89
C GLU A 208 7.12 9.24 -13.86
N ARG A 209 7.27 8.51 -12.76
CA ARG A 209 8.35 7.54 -12.63
C ARG A 209 8.22 6.43 -13.69
N GLU A 210 6.99 5.99 -13.92
CA GLU A 210 6.72 4.94 -14.90
C GLU A 210 7.15 5.37 -16.29
N ARG A 211 7.02 6.66 -16.57
CA ARG A 211 7.35 7.20 -17.88
C ARG A 211 8.85 7.48 -18.05
N GLU A 212 9.57 7.56 -16.94
CA GLU A 212 11.02 7.68 -16.97
C GLU A 212 11.65 6.33 -17.28
N ILE A 213 10.97 5.26 -16.85
CA ILE A 213 11.45 3.90 -17.06
C ILE A 213 11.16 3.42 -18.48
N LYS A 214 9.93 3.63 -18.93
CA LYS A 214 9.52 3.22 -20.27
C LYS A 214 10.28 3.96 -21.36
N ALA A 215 10.58 5.23 -21.10
CA ALA A 215 11.37 6.02 -22.04
C ALA A 215 12.85 5.64 -21.98
N PHE A 216 13.26 5.04 -20.87
CA PHE A 216 14.64 4.61 -20.71
C PHE A 216 14.96 3.43 -21.63
N VAL A 217 16.22 3.31 -21.99
CA VAL A 217 16.69 2.17 -22.78
C VAL A 217 18.03 1.67 -22.26
N PRO A 218 18.02 0.48 -21.63
CA PRO A 218 19.23 -0.14 -21.08
C PRO A 218 20.24 -0.43 -22.17
N GLU A 219 21.48 -0.02 -21.95
CA GLU A 219 22.53 -0.26 -22.94
C GLU A 219 23.56 -1.24 -22.39
N GLU A 220 24.21 -1.96 -23.29
CA GLU A 220 25.17 -2.99 -22.89
C GLU A 220 26.56 -2.42 -22.64
N PHE A 221 27.17 -2.85 -21.54
CA PHE A 221 28.56 -2.53 -21.26
C PHE A 221 29.16 -3.65 -20.41
N TRP A 222 30.48 -3.68 -20.31
CA TRP A 222 31.16 -4.82 -19.70
C TRP A 222 32.16 -4.44 -18.61
N GLU A 223 32.47 -5.43 -17.78
CA GLU A 223 33.47 -5.28 -16.73
C GLU A 223 34.31 -6.54 -16.66
N VAL A 224 35.60 -6.38 -16.33
CA VAL A 224 36.46 -7.55 -16.13
C VAL A 224 37.08 -7.54 -14.74
N ASP A 225 37.13 -8.72 -14.12
CA ASP A 225 37.69 -8.87 -12.79
C ASP A 225 38.93 -9.74 -12.84
N ALA A 226 40.07 -9.18 -12.46
CA ALA A 226 41.32 -9.93 -12.42
C ALA A 226 41.66 -10.33 -10.99
N SER A 227 41.37 -11.58 -10.63
CA SER A 227 41.75 -12.09 -9.34
C SER A 227 43.23 -12.45 -9.37
N THR A 228 43.99 -11.88 -8.46
CA THR A 228 45.44 -12.09 -8.45
C THR A 228 45.92 -12.59 -7.09
N THR A 229 47.24 -12.67 -6.94
CA THR A 229 47.83 -13.09 -5.68
C THR A 229 49.01 -12.20 -5.28
N THR A 230 49.02 -11.79 -4.02
CA THR A 230 50.10 -11.00 -3.47
C THR A 230 51.37 -11.84 -3.41
N PRO A 231 52.55 -11.18 -3.37
CA PRO A 231 53.80 -11.93 -3.20
C PRO A 231 53.82 -12.69 -1.88
N SER A 232 53.27 -13.90 -1.88
CA SER A 232 53.22 -14.76 -0.70
C SER A 232 52.57 -14.09 0.51
N GLY A 233 51.53 -13.30 0.28
CA GLY A 233 50.80 -12.68 1.36
C GLY A 233 49.39 -13.23 1.47
N GLU A 234 48.62 -13.05 0.40
CA GLU A 234 47.25 -13.56 0.33
C GLU A 234 46.69 -13.41 -1.09
N ALA A 235 45.37 -13.43 -1.20
CA ALA A 235 44.71 -13.22 -2.48
C ALA A 235 44.29 -11.76 -2.63
N LEU A 236 44.37 -11.24 -3.85
CA LEU A 236 43.99 -9.86 -4.11
C LEU A 236 43.10 -9.73 -5.34
N ALA A 237 41.84 -9.41 -5.13
CA ALA A 237 40.91 -9.20 -6.22
C ALA A 237 40.99 -7.77 -6.73
N LEU A 238 41.02 -7.62 -8.05
CA LEU A 238 41.12 -6.29 -8.66
C LEU A 238 39.93 -6.00 -9.56
N GLN A 239 39.93 -4.82 -10.16
CA GLN A 239 38.94 -4.44 -11.15
C GLN A 239 39.54 -3.42 -12.10
N VAL A 240 39.48 -3.71 -13.39
CA VAL A 240 39.98 -2.80 -14.40
C VAL A 240 39.18 -1.50 -14.42
N THR A 241 39.88 -0.37 -14.46
CA THR A 241 39.24 0.93 -14.44
C THR A 241 39.57 1.72 -15.70
N HIS A 242 40.83 1.61 -16.14
CA HIS A 242 41.30 2.36 -17.29
C HIS A 242 42.04 1.50 -18.30
N GLN A 243 42.00 1.94 -19.56
CA GLN A 243 42.81 1.35 -20.61
C GLN A 243 43.41 2.50 -21.41
N ASN A 244 44.73 2.52 -21.49
CA ASN A 244 45.46 3.61 -22.16
C ASN A 244 45.14 4.97 -21.56
N ASP A 245 45.16 5.05 -20.24
CA ASP A 245 44.86 6.28 -19.50
C ASP A 245 43.49 6.84 -19.84
N LYS A 246 42.57 5.93 -20.18
CA LYS A 246 41.19 6.30 -20.48
C LYS A 246 40.26 5.27 -19.86
N PRO A 247 39.14 5.74 -19.27
CA PRO A 247 38.17 4.87 -18.59
C PRO A 247 37.79 3.67 -19.43
N PHE A 248 37.91 2.48 -18.86
CA PHE A 248 37.70 1.24 -19.59
C PHE A 248 36.24 0.80 -19.55
N ARG A 249 35.58 0.84 -20.70
CA ARG A 249 34.17 0.48 -20.78
CA ARG A 249 34.16 0.50 -20.78
C ARG A 249 33.78 -0.05 -22.16
N PRO A 250 34.05 -1.33 -22.42
CA PRO A 250 33.64 -1.97 -23.67
C PRO A 250 32.13 -2.13 -23.73
N VAL A 251 31.60 -2.57 -24.87
CA VAL A 251 30.16 -2.66 -25.06
C VAL A 251 29.73 -4.04 -25.57
N ASN A 252 30.70 -4.90 -25.86
CA ASN A 252 30.39 -6.22 -26.38
C ASN A 252 31.51 -7.25 -26.13
N LYS A 253 31.20 -8.51 -26.43
CA LYS A 253 32.16 -9.61 -26.29
C LYS A 253 33.48 -9.34 -27.00
N GLU A 254 33.40 -8.83 -28.23
CA GLU A 254 34.58 -8.63 -29.07
C GLU A 254 35.62 -7.70 -28.44
N GLN A 255 35.20 -6.50 -28.05
CA GLN A 255 36.10 -5.52 -27.46
C GLN A 255 36.72 -5.99 -26.15
N THR A 256 35.95 -6.78 -25.40
CA THR A 256 36.42 -7.32 -24.12
C THR A 256 37.58 -8.27 -24.31
N GLN A 257 37.37 -9.30 -25.11
CA GLN A 257 38.40 -10.31 -25.39
C GLN A 257 39.69 -9.67 -25.87
N ALA A 258 39.56 -8.58 -26.62
CA ALA A 258 40.70 -7.80 -27.08
C ALA A 258 41.52 -7.29 -25.89
N ALA A 259 40.83 -6.95 -24.82
CA ALA A 259 41.50 -6.48 -23.60
C ALA A 259 41.84 -7.65 -22.67
N VAL A 260 41.05 -8.72 -22.74
CA VAL A 260 41.27 -9.91 -21.91
C VAL A 260 42.64 -10.54 -22.13
N SER A 261 42.90 -10.95 -23.36
CA SER A 261 44.17 -11.56 -23.72
C SER A 261 45.34 -10.63 -23.41
N LEU A 262 45.19 -9.36 -23.82
CA LEU A 262 46.20 -8.33 -23.58
C LEU A 262 46.54 -8.25 -22.09
N LEU A 263 45.53 -8.41 -21.25
CA LEU A 263 45.72 -8.43 -19.80
C LEU A 263 46.48 -9.68 -19.35
N GLU A 264 46.13 -10.82 -19.94
CA GLU A 264 46.80 -12.08 -19.64
C GLU A 264 48.29 -11.99 -19.93
N LYS A 265 48.62 -11.39 -21.08
CA LYS A 265 50.01 -11.20 -21.46
C LYS A 265 50.56 -9.91 -20.88
N ALA A 266 50.47 -9.76 -19.56
CA ALA A 266 50.93 -8.56 -18.88
C ALA A 266 51.40 -8.82 -17.46
N ARG A 267 52.29 -7.96 -16.96
CA ARG A 267 52.79 -8.07 -15.60
C ARG A 267 52.12 -7.06 -14.68
N TYR A 268 51.64 -7.52 -13.53
CA TYR A 268 50.88 -6.69 -12.62
C TYR A 268 51.74 -6.09 -11.53
N SER A 269 51.66 -4.76 -11.39
CA SER A 269 52.44 -4.05 -10.38
C SER A 269 51.56 -3.02 -9.69
N VAL A 270 51.70 -2.89 -8.38
CA VAL A 270 50.97 -1.86 -7.64
C VAL A 270 51.61 -0.51 -7.90
N LEU A 271 50.79 0.52 -8.01
CA LEU A 271 51.28 1.87 -8.29
C LEU A 271 51.23 2.73 -7.03
N GLU A 272 50.07 2.76 -6.39
CA GLU A 272 49.90 3.54 -5.17
C GLU A 272 49.08 2.79 -4.13
N ARG A 273 49.31 3.12 -2.86
CA ARG A 273 48.49 2.61 -1.78
C ARG A 273 48.06 3.78 -0.89
N GLU A 274 46.75 4.04 -0.85
CA GLU A 274 46.24 5.16 -0.07
C GLU A 274 45.50 4.67 1.17
N ASP A 275 46.09 4.89 2.34
CA ASP A 275 45.46 4.55 3.60
C ASP A 275 44.84 5.79 4.24
N LYS A 276 43.51 5.77 4.39
CA LYS A 276 42.78 6.91 4.94
C LYS A 276 41.84 6.47 6.06
N PRO A 277 41.95 7.12 7.23
CA PRO A 277 41.06 6.86 8.36
C PRO A 277 39.67 7.46 8.12
N THR A 278 38.65 6.62 8.11
CA THR A 278 37.29 7.09 7.90
C THR A 278 36.40 6.76 9.09
N THR A 279 35.26 7.45 9.19
CA THR A 279 34.30 7.22 10.25
C THR A 279 32.89 7.03 9.70
N SER A 280 31.96 6.70 10.58
CA SER A 280 30.55 6.64 10.23
C SER A 280 29.70 6.96 11.45
N LYS A 281 29.00 8.08 11.41
CA LYS A 281 28.13 8.49 12.50
C LYS A 281 26.80 7.74 12.42
N PRO A 282 26.10 7.58 13.56
CA PRO A 282 24.82 6.88 13.55
C PRO A 282 23.70 7.79 13.06
N GLY A 283 22.57 7.20 12.67
CA GLY A 283 21.45 7.99 12.18
C GLY A 283 20.62 8.59 13.30
N ALA A 284 19.79 9.57 12.95
CA ALA A 284 18.89 10.21 13.90
C ALA A 284 17.86 9.21 14.41
N PRO A 285 17.27 9.48 15.59
CA PRO A 285 16.16 8.63 16.03
C PRO A 285 15.00 8.72 15.06
N PHE A 286 14.12 7.73 15.08
CA PHE A 286 13.07 7.62 14.09
C PHE A 286 12.00 8.71 14.17
N ILE A 287 11.63 9.24 13.01
CA ILE A 287 10.37 9.93 12.83
C ILE A 287 9.50 8.96 12.03
N THR A 288 8.24 9.31 11.80
CA THR A 288 7.31 8.44 11.10
C THR A 288 7.80 7.97 9.73
N SER A 289 8.34 8.90 8.95
CA SER A 289 8.81 8.58 7.60
C SER A 289 10.04 7.66 7.60
N THR A 290 11.03 8.00 8.43
CA THR A 290 12.25 7.21 8.52
C THR A 290 12.00 5.82 9.10
N LEU A 291 10.97 5.71 9.95
CA LEU A 291 10.61 4.42 10.53
C LEU A 291 10.04 3.48 9.49
N GLN A 292 9.18 4.00 8.61
CA GLN A 292 8.55 3.22 7.56
C GLN A 292 9.57 2.68 6.54
N GLN A 293 10.60 3.48 6.28
CA GLN A 293 11.63 3.10 5.31
C GLN A 293 12.58 2.04 5.87
N ALA A 294 12.93 2.17 7.15
CA ALA A 294 13.84 1.24 7.79
C ALA A 294 13.16 -0.11 8.04
N ALA A 295 11.86 -0.08 8.29
CA ALA A 295 11.10 -1.31 8.48
C ALA A 295 10.88 -2.01 7.14
N SER A 296 10.78 -1.23 6.07
CA SER A 296 10.63 -1.78 4.74
C SER A 296 11.93 -2.41 4.24
N THR A 297 13.04 -1.72 4.49
CA THR A 297 14.36 -2.16 4.05
C THR A 297 14.90 -3.33 4.89
N ARG A 298 14.81 -3.22 6.21
CA ARG A 298 15.37 -4.22 7.11
C ARG A 298 14.39 -5.36 7.46
N LEU A 299 13.12 -5.02 7.65
CA LEU A 299 12.12 -5.99 8.08
C LEU A 299 11.26 -6.48 6.93
N GLY A 300 11.21 -5.70 5.85
CA GLY A 300 10.36 -6.02 4.73
C GLY A 300 8.90 -5.75 5.05
N PHE A 301 8.67 -4.77 5.92
CA PHE A 301 7.31 -4.39 6.30
C PHE A 301 6.75 -3.34 5.35
N GLY A 302 5.51 -3.53 4.92
CA GLY A 302 4.81 -2.49 4.18
C GLY A 302 4.49 -1.34 5.12
N VAL A 303 4.00 -0.25 4.57
CA VAL A 303 3.65 0.92 5.38
C VAL A 303 2.48 0.64 6.32
N LYS A 304 1.49 -0.10 5.82
CA LYS A 304 0.32 -0.43 6.61
C LYS A 304 0.66 -1.28 7.82
N LYS A 305 1.50 -2.30 7.64
CA LYS A 305 1.91 -3.15 8.75
C LYS A 305 2.74 -2.37 9.77
N THR A 306 3.69 -1.59 9.28
CA THR A 306 4.59 -0.80 10.12
C THR A 306 3.81 0.09 11.09
N MET A 307 2.76 0.73 10.59
CA MET A 307 1.95 1.64 11.39
C MET A 307 0.98 0.91 12.31
N MET A 308 0.51 -0.26 11.89
CA MET A 308 -0.35 -1.09 12.73
C MET A 308 0.41 -1.59 13.95
N MET A 309 1.63 -2.08 13.74
CA MET A 309 2.47 -2.57 14.81
C MET A 309 2.90 -1.44 15.75
N ALA A 310 3.27 -0.30 15.15
CA ALA A 310 3.69 0.86 15.93
C ALA A 310 2.58 1.35 16.85
N GLN A 311 1.35 1.31 16.35
CA GLN A 311 0.20 1.72 17.15
C GLN A 311 -0.04 0.76 18.32
N ARG A 312 0.25 -0.52 18.10
CA ARG A 312 0.09 -1.51 19.16
C ARG A 312 1.18 -1.38 20.22
N LEU A 313 2.38 -1.02 19.79
CA LEU A 313 3.47 -0.74 20.72
C LEU A 313 3.19 0.53 21.51
N TYR A 314 2.53 1.49 20.85
CA TYR A 314 2.17 2.75 21.49
C TYR A 314 1.06 2.56 22.53
N GLU A 315 -0.02 1.90 22.14
CA GLU A 315 -1.17 1.71 23.02
C GLU A 315 -0.87 0.75 24.19
N ALA A 316 0.26 0.06 24.11
CA ALA A 316 0.69 -0.82 25.19
C ALA A 316 1.70 -0.12 26.09
N GLY A 317 2.03 1.12 25.76
CA GLY A 317 2.94 1.92 26.55
C GLY A 317 4.40 1.52 26.39
N TYR A 318 4.74 0.95 25.23
CA TYR A 318 6.09 0.50 24.98
C TYR A 318 6.93 1.56 24.26
N ILE A 319 6.32 2.27 23.32
CA ILE A 319 7.02 3.33 22.61
C ILE A 319 6.24 4.64 22.63
N THR A 320 6.87 5.69 22.13
CA THR A 320 6.23 7.00 22.03
C THR A 320 5.30 7.05 20.82
N TYR A 321 4.47 8.09 20.76
CA TYR A 321 3.53 8.28 19.67
C TYR A 321 4.23 8.19 18.31
N MET A 322 3.63 7.45 17.38
CA MET A 322 4.30 7.08 16.14
C MET A 322 4.01 8.00 14.95
N ARG A 323 3.21 9.04 15.18
CA ARG A 323 2.97 10.05 14.16
C ARG A 323 3.70 11.34 14.48
N THR A 324 4.94 11.44 14.04
CA THR A 324 5.77 12.59 14.39
C THR A 324 6.79 12.93 13.30
N ASP A 325 7.25 14.18 13.32
CA ASP A 325 8.26 14.66 12.39
C ASP A 325 9.39 15.33 13.16
N SER A 326 9.46 15.06 14.46
CA SER A 326 10.50 15.61 15.32
C SER A 326 11.54 14.56 15.70
N THR A 327 12.80 14.96 15.70
CA THR A 327 13.89 14.10 16.15
C THR A 327 14.34 14.50 17.54
N ASN A 328 13.54 15.33 18.19
CA ASN A 328 13.85 15.79 19.55
C ASN A 328 13.84 14.64 20.55
N LEU A 329 14.64 14.80 21.61
CA LEU A 329 14.69 13.83 22.69
C LEU A 329 14.67 14.59 24.02
N SER A 330 13.74 14.23 24.88
CA SER A 330 13.63 14.89 26.19
C SER A 330 14.89 14.66 27.02
N GLN A 331 15.13 15.53 27.99
CA GLN A 331 16.29 15.41 28.86
C GLN A 331 16.25 14.08 29.62
N ASP A 332 15.05 13.69 30.03
CA ASP A 332 14.85 12.44 30.76
C ASP A 332 15.26 11.25 29.90
N ALA A 333 14.75 11.24 28.67
CA ALA A 333 15.06 10.17 27.72
C ALA A 333 16.56 10.07 27.43
N VAL A 334 17.19 11.21 27.22
CA VAL A 334 18.64 11.27 26.98
C VAL A 334 19.42 10.78 28.21
N ASN A 335 19.02 11.23 29.39
CA ASN A 335 19.65 10.77 30.63
C ASN A 335 19.44 9.26 30.80
N MET A 336 18.24 8.80 30.46
CA MET A 336 17.89 7.38 30.55
C MET A 336 18.80 6.54 29.68
N VAL A 337 18.89 6.90 28.40
CA VAL A 337 19.68 6.13 27.43
C VAL A 337 21.19 6.21 27.69
N ARG A 338 21.68 7.41 28.03
CA ARG A 338 23.09 7.58 28.34
C ARG A 338 23.51 6.76 29.56
N GLY A 339 22.56 6.55 30.47
CA GLY A 339 22.80 5.69 31.61
C GLY A 339 22.97 4.25 31.19
N TYR A 340 22.05 3.79 30.34
CA TYR A 340 22.09 2.42 29.82
C TYR A 340 23.41 2.14 29.10
N ILE A 341 23.79 3.05 28.21
CA ILE A 341 25.02 2.92 27.43
C ILE A 341 26.25 2.84 28.33
N SER A 342 26.29 3.71 29.34
CA SER A 342 27.39 3.72 30.30
C SER A 342 27.46 2.39 31.05
N ASP A 343 26.31 1.91 31.51
CA ASP A 343 26.24 0.67 32.28
C ASP A 343 26.51 -0.58 31.44
N ASN A 344 26.08 -0.56 30.18
CA ASN A 344 26.10 -1.77 29.36
C ASN A 344 27.16 -1.81 28.24
N PHE A 345 27.81 -0.68 27.98
CA PHE A 345 28.80 -0.62 26.91
C PHE A 345 30.15 -0.07 27.35
N GLY A 346 30.15 0.94 28.20
CA GLY A 346 31.38 1.51 28.70
C GLY A 346 31.57 2.95 28.29
N LYS A 347 32.71 3.53 28.67
CA LYS A 347 32.97 4.95 28.43
C LYS A 347 33.37 5.25 26.97
N LYS A 348 33.86 4.23 26.27
CA LYS A 348 34.28 4.40 24.89
C LYS A 348 33.11 4.65 23.95
N TYR A 349 31.92 4.24 24.38
CA TYR A 349 30.72 4.32 23.54
C TYR A 349 29.83 5.49 23.91
N LEU A 350 30.26 6.26 24.90
CA LEU A 350 29.49 7.41 25.36
C LEU A 350 30.16 8.72 24.97
N PRO A 351 29.54 9.47 24.05
CA PRO A 351 30.06 10.78 23.64
C PRO A 351 30.11 11.73 24.84
N GLU A 352 31.03 12.69 24.81
CA GLU A 352 31.20 13.63 25.91
C GLU A 352 29.91 14.43 26.14
N SER A 353 29.24 14.74 25.05
CA SER A 353 27.99 15.50 25.10
C SER A 353 26.92 14.77 24.31
N PRO A 354 25.65 14.95 24.69
CA PRO A 354 24.54 14.30 23.99
C PRO A 354 24.57 14.57 22.49
N ASN A 355 24.17 13.59 21.68
CA ASN A 355 24.10 13.79 20.24
C ASN A 355 22.81 14.52 19.85
N GLN A 356 22.97 15.57 19.05
CA GLN A 356 21.84 16.39 18.63
C GLN A 356 21.48 16.13 17.17
N TYR A 357 20.19 16.15 16.86
CA TYR A 357 19.73 15.91 15.51
C TYR A 357 18.73 16.96 15.04
N ALA A 358 18.94 17.47 13.84
CA ALA A 358 18.08 18.50 13.27
C ALA A 358 16.70 17.93 12.92
N SER A 359 15.66 18.70 13.21
CA SER A 359 14.29 18.26 12.96
C SER A 359 13.49 19.26 12.13
N LYS A 360 12.24 18.93 11.86
CA LYS A 360 11.36 19.79 11.07
C LYS A 360 10.01 19.96 11.78
N GLN A 364 11.72 23.32 19.78
CA GLN A 364 10.75 22.93 20.79
C GLN A 364 9.33 22.88 20.22
N GLU A 365 9.03 21.82 19.48
CA GLU A 365 7.70 21.63 18.92
C GLU A 365 6.81 20.96 19.96
N ALA A 366 7.38 20.69 21.13
CA ALA A 366 6.76 19.85 22.16
C ALA A 366 6.45 18.46 21.60
N HIS A 367 7.22 18.06 20.60
CA HIS A 367 7.06 16.76 19.96
C HIS A 367 8.36 15.98 20.02
N GLU A 368 8.25 14.65 20.06
CA GLU A 368 9.41 13.80 20.30
C GLU A 368 9.54 12.70 19.25
N ALA A 369 10.75 12.17 19.10
CA ALA A 369 11.02 11.07 18.19
C ALA A 369 10.25 9.82 18.59
N ILE A 370 10.34 8.79 17.75
CA ILE A 370 9.78 7.49 18.09
C ILE A 370 10.85 6.68 18.81
N ARG A 371 10.59 6.37 20.07
CA ARG A 371 11.59 5.75 20.93
C ARG A 371 10.91 4.90 22.00
N PRO A 372 11.67 3.97 22.60
CA PRO A 372 11.15 3.21 23.74
C PRO A 372 10.72 4.11 24.88
N SER A 373 9.64 3.75 25.56
CA SER A 373 9.18 4.47 26.74
C SER A 373 10.07 4.16 27.93
N ASP A 374 10.68 2.97 27.90
CA ASP A 374 11.65 2.55 28.89
C ASP A 374 12.78 1.78 28.21
N VAL A 375 13.99 2.34 28.27
CA VAL A 375 15.15 1.78 27.58
C VAL A 375 15.57 0.43 28.15
N ASN A 376 15.11 0.13 29.37
CA ASN A 376 15.48 -1.11 30.04
C ASN A 376 14.62 -2.29 29.58
N VAL A 377 13.46 -1.99 29.01
CA VAL A 377 12.57 -3.03 28.49
C VAL A 377 13.07 -3.53 27.13
N MET A 378 13.39 -4.81 27.06
CA MET A 378 13.88 -5.42 25.82
C MET A 378 12.73 -5.96 24.98
N ALA A 379 12.99 -6.24 23.71
CA ALA A 379 11.99 -6.77 22.80
C ALA A 379 11.48 -8.14 23.26
N GLU A 380 12.39 -8.93 23.83
CA GLU A 380 12.05 -10.26 24.30
C GLU A 380 11.16 -10.24 25.54
N SER A 381 11.16 -9.11 26.25
CA SER A 381 10.38 -8.95 27.46
C SER A 381 8.99 -8.38 27.19
N LEU A 382 8.66 -8.26 25.91
CA LEU A 382 7.36 -7.71 25.52
C LEU A 382 6.23 -8.74 25.67
N LYS A 383 5.20 -8.37 26.45
CA LYS A 383 4.06 -9.23 26.66
C LYS A 383 2.92 -8.89 25.70
N ASP A 384 2.26 -9.93 25.20
CA ASP A 384 1.09 -9.79 24.32
C ASP A 384 1.38 -9.04 23.02
N MET A 385 2.64 -9.01 22.63
CA MET A 385 3.03 -8.42 21.35
C MET A 385 3.40 -9.52 20.37
N GLU A 386 2.81 -9.50 19.18
CA GLU A 386 3.10 -10.50 18.16
C GLU A 386 4.54 -10.39 17.66
N ALA A 387 4.94 -11.34 16.81
CA ALA A 387 6.32 -11.40 16.33
C ALA A 387 6.75 -10.14 15.57
N ASP A 388 5.88 -9.63 14.70
CA ASP A 388 6.21 -8.47 13.90
C ASP A 388 6.27 -7.18 14.73
N ALA A 389 5.52 -7.15 15.83
CA ALA A 389 5.55 -6.01 16.73
C ALA A 389 6.85 -5.98 17.54
N GLN A 390 7.35 -7.15 17.90
CA GLN A 390 8.61 -7.26 18.63
C GLN A 390 9.79 -6.90 17.73
N LYS A 391 9.69 -7.25 16.45
CA LYS A 391 10.72 -6.92 15.49
C LYS A 391 10.84 -5.41 15.30
N LEU A 392 9.68 -4.74 15.28
CA LEU A 392 9.64 -3.31 15.10
C LEU A 392 10.22 -2.60 16.31
N TYR A 393 9.83 -3.07 17.50
CA TYR A 393 10.35 -2.51 18.74
C TYR A 393 11.86 -2.61 18.79
N GLN A 394 12.38 -3.79 18.47
CA GLN A 394 13.82 -4.03 18.42
C GLN A 394 14.49 -3.02 17.49
N LEU A 395 13.86 -2.79 16.35
CA LEU A 395 14.33 -1.81 15.37
C LEU A 395 14.36 -0.40 15.97
N ILE A 396 13.24 0.00 16.58
CA ILE A 396 13.12 1.30 17.22
C ILE A 396 14.12 1.45 18.37
N TRP A 397 14.21 0.40 19.17
CA TRP A 397 15.12 0.37 20.32
C TRP A 397 16.57 0.57 19.90
N ARG A 398 17.02 -0.20 18.92
CA ARG A 398 18.41 -0.14 18.47
C ARG A 398 18.80 1.20 17.87
N GLN A 399 17.88 1.81 17.13
CA GLN A 399 18.13 3.12 16.54
C GLN A 399 18.21 4.19 17.61
N PHE A 400 17.36 4.07 18.62
CA PHE A 400 17.31 5.04 19.71
C PHE A 400 18.57 4.98 20.57
N VAL A 401 19.03 3.77 20.86
CA VAL A 401 20.25 3.57 21.65
C VAL A 401 21.48 4.01 20.86
N ALA A 402 21.54 3.61 19.59
CA ALA A 402 22.67 3.94 18.72
C ALA A 402 22.80 5.44 18.46
N CYS A 403 21.68 6.16 18.47
CA CYS A 403 21.66 7.59 18.14
C CYS A 403 22.37 8.42 19.22
N GLN A 404 22.77 7.77 20.30
CA GLN A 404 23.45 8.44 21.39
C GLN A 404 24.80 7.80 21.71
N MET A 405 25.34 7.05 20.75
CA MET A 405 26.63 6.40 20.93
C MET A 405 27.70 7.00 20.03
N THR A 406 28.95 6.62 20.26
CA THR A 406 30.08 7.22 19.56
C THR A 406 30.19 6.75 18.11
N PRO A 407 30.80 7.58 17.24
CA PRO A 407 31.04 7.20 15.84
C PRO A 407 31.93 5.96 15.73
N ALA A 408 31.80 5.23 14.63
CA ALA A 408 32.63 4.06 14.37
C ALA A 408 33.87 4.48 13.58
N LYS A 409 34.99 3.79 13.81
CA LYS A 409 36.23 4.10 13.11
C LYS A 409 36.66 2.96 12.20
N TYR A 410 37.24 3.32 11.05
CA TYR A 410 37.74 2.32 10.11
C TYR A 410 39.12 2.70 9.57
N ASP A 411 39.79 1.74 8.95
CA ASP A 411 41.05 1.99 8.25
C ASP A 411 40.90 1.64 6.79
N SER A 412 40.51 2.62 5.98
CA SER A 412 40.29 2.40 4.56
C SER A 412 41.59 2.38 3.76
N THR A 413 41.72 1.40 2.88
CA THR A 413 42.85 1.34 1.96
C THR A 413 42.34 1.18 0.52
N THR A 414 42.92 1.95 -0.39
CA THR A 414 42.58 1.84 -1.81
C THR A 414 43.86 1.59 -2.62
N LEU A 415 43.84 0.55 -3.44
CA LEU A 415 45.02 0.18 -4.21
C LEU A 415 44.85 0.45 -5.70
N THR A 416 45.87 1.03 -6.32
CA THR A 416 45.89 1.25 -7.77
C THR A 416 46.93 0.34 -8.41
N VAL A 417 46.49 -0.50 -9.34
CA VAL A 417 47.37 -1.47 -9.97
C VAL A 417 47.47 -1.26 -11.47
N GLY A 418 48.70 -1.14 -11.97
CA GLY A 418 48.93 -1.01 -13.40
C GLY A 418 49.42 -2.31 -14.00
N ALA A 419 49.01 -2.58 -15.24
CA ALA A 419 49.42 -3.79 -15.93
C ALA A 419 49.44 -3.56 -17.44
N GLY A 420 50.62 -3.32 -17.98
CA GLY A 420 50.76 -2.97 -19.39
C GLY A 420 50.13 -1.62 -19.67
N ASP A 421 49.12 -1.61 -20.53
CA ASP A 421 48.41 -0.38 -20.86
C ASP A 421 47.13 -0.25 -20.07
N PHE A 422 47.11 -0.83 -18.87
CA PHE A 422 45.90 -0.84 -18.04
C PHE A 422 46.09 -0.22 -16.66
N ARG A 423 44.98 0.05 -16.01
CA ARG A 423 44.99 0.59 -14.65
C ARG A 423 43.86 -0.04 -13.86
N LEU A 424 44.21 -0.86 -12.89
CA LEU A 424 43.23 -1.59 -12.09
C LEU A 424 43.12 -0.97 -10.71
N LYS A 425 42.04 -1.29 -9.99
CA LYS A 425 41.82 -0.70 -8.68
C LYS A 425 41.21 -1.71 -7.70
N ALA A 426 41.45 -1.49 -6.42
CA ALA A 426 40.82 -2.26 -5.35
C ALA A 426 40.62 -1.34 -4.15
N ARG A 427 39.53 -1.56 -3.43
CA ARG A 427 39.20 -0.71 -2.29
C ARG A 427 38.69 -1.57 -1.15
N GLY A 428 39.04 -1.20 0.08
CA GLY A 428 38.60 -1.94 1.25
C GLY A 428 38.85 -1.18 2.53
N ARG A 429 38.42 -1.75 3.65
CA ARG A 429 38.62 -1.12 4.94
C ARG A 429 38.67 -2.15 6.06
N ILE A 430 39.19 -1.74 7.21
CA ILE A 430 39.27 -2.60 8.38
C ILE A 430 38.64 -1.90 9.58
N LEU A 431 37.68 -2.57 10.22
CA LEU A 431 37.02 -2.04 11.41
C LEU A 431 38.03 -1.87 12.54
N ARG A 432 38.09 -0.66 13.11
CA ARG A 432 39.03 -0.37 14.19
C ARG A 432 38.28 -0.06 15.49
N PHE A 433 37.07 0.48 15.35
CA PHE A 433 36.19 0.69 16.50
C PHE A 433 34.73 0.63 16.07
N ASP A 434 34.01 -0.35 16.61
CA ASP A 434 32.62 -0.59 16.21
C ASP A 434 31.69 0.58 16.54
N GLY A 435 31.93 1.24 17.67
CA GLY A 435 31.10 2.35 18.09
C GLY A 435 29.63 2.00 18.16
N TRP A 436 28.79 2.87 17.59
CA TRP A 436 27.34 2.70 17.60
C TRP A 436 26.89 1.42 16.90
N THR A 437 27.75 0.86 16.04
CA THR A 437 27.41 -0.34 15.29
C THR A 437 27.41 -1.60 16.16
N LYS A 438 27.78 -1.45 17.42
CA LYS A 438 27.79 -2.57 18.34
C LYS A 438 26.36 -2.95 18.74
N VAL A 439 25.47 -1.97 18.71
CA VAL A 439 24.07 -2.18 19.08
C VAL A 439 23.17 -2.26 17.84
N MET A 440 23.59 -1.60 16.76
CA MET A 440 22.82 -1.61 15.52
C MET A 440 23.71 -1.97 14.34
N PRO A 441 24.09 -3.26 14.24
CA PRO A 441 24.96 -3.69 13.14
C PRO A 441 24.17 -3.78 11.84
N ALA A 442 24.88 -3.79 10.71
CA ALA A 442 24.22 -3.97 9.42
C ALA A 442 23.68 -5.39 9.31
N LEU A 443 22.79 -5.61 8.35
CA LEU A 443 22.22 -6.93 8.14
C LEU A 443 23.29 -7.90 7.63
N ARG A 444 24.11 -7.43 6.70
CA ARG A 444 25.21 -8.22 6.17
C ARG A 444 26.31 -7.32 5.62
N LYS A 445 27.37 -7.93 5.10
CA LYS A 445 28.50 -7.18 4.55
C LYS A 445 28.09 -6.32 3.37
N GLY A 446 28.89 -5.29 3.07
CA GLY A 446 28.61 -4.40 1.97
C GLY A 446 29.57 -4.59 0.81
N ASP A 447 29.58 -3.62 -0.11
CA ASP A 447 30.46 -3.69 -1.27
C ASP A 447 31.91 -3.45 -0.89
N GLU A 448 32.20 -2.28 -0.32
CA GLU A 448 33.55 -1.94 0.10
C GLU A 448 33.77 -2.28 1.57
N ASP A 449 33.54 -3.53 1.93
CA ASP A 449 33.70 -3.98 3.30
C ASP A 449 34.67 -5.17 3.35
N ARG A 450 35.48 -5.32 2.32
CA ARG A 450 36.43 -6.40 2.31
C ARG A 450 37.74 -5.97 2.91
N ILE A 451 38.48 -6.94 3.42
CA ILE A 451 39.78 -6.68 4.02
C ILE A 451 40.90 -6.95 3.01
N LEU A 452 41.61 -5.88 2.63
CA LEU A 452 42.67 -6.00 1.65
C LEU A 452 43.99 -6.41 2.29
N PRO A 453 44.69 -7.36 1.66
CA PRO A 453 46.01 -7.81 2.13
C PRO A 453 47.00 -6.65 2.13
N ALA A 454 47.91 -6.64 3.09
CA ALA A 454 48.91 -5.58 3.18
C ALA A 454 49.95 -5.73 2.09
N VAL A 455 50.05 -4.72 1.23
CA VAL A 455 51.09 -4.65 0.21
C VAL A 455 51.69 -3.25 0.20
N ASN A 456 52.72 -3.04 -0.61
CA ASN A 456 53.38 -1.74 -0.65
C ASN A 456 53.77 -1.32 -2.06
N LYS A 457 53.89 -0.02 -2.27
CA LYS A 457 54.21 0.54 -3.58
C LYS A 457 55.46 -0.07 -4.18
N GLY A 458 55.26 -0.88 -5.22
CA GLY A 458 56.37 -1.57 -5.87
C GLY A 458 56.18 -3.07 -5.90
N ASP A 459 55.34 -3.58 -5.01
CA ASP A 459 55.08 -5.03 -4.92
C ASP A 459 54.52 -5.58 -6.23
N ALA A 460 54.85 -6.83 -6.53
CA ALA A 460 54.43 -7.46 -7.78
C ALA A 460 53.32 -8.47 -7.53
N LEU A 461 52.33 -8.47 -8.41
CA LEU A 461 51.20 -9.38 -8.28
C LEU A 461 51.23 -10.42 -9.40
N THR A 462 50.87 -11.67 -9.06
CA THR A 462 50.82 -12.73 -10.05
C THR A 462 49.37 -12.98 -10.48
N LEU A 463 49.14 -12.96 -11.79
CA LEU A 463 47.80 -13.18 -12.33
C LEU A 463 47.32 -14.60 -12.03
N VAL A 464 46.04 -14.71 -11.68
CA VAL A 464 45.45 -16.02 -11.39
C VAL A 464 44.26 -16.29 -12.31
N GLU A 465 43.28 -15.41 -12.26
CA GLU A 465 42.04 -15.61 -13.02
C GLU A 465 41.44 -14.30 -13.51
N LEU A 466 41.03 -14.28 -14.79
CA LEU A 466 40.33 -13.14 -15.36
C LEU A 466 38.85 -13.45 -15.49
N THR A 467 38.01 -12.57 -14.96
CA THR A 467 36.56 -12.78 -14.98
C THR A 467 35.82 -11.62 -15.62
N PRO A 468 35.26 -11.84 -16.82
CA PRO A 468 34.48 -10.83 -17.54
C PRO A 468 33.00 -10.90 -17.15
N ALA A 469 32.33 -9.76 -17.14
CA ALA A 469 30.92 -9.72 -16.76
C ALA A 469 30.13 -8.77 -17.65
N GLN A 470 28.98 -9.23 -18.13
CA GLN A 470 28.11 -8.40 -18.96
C GLN A 470 27.13 -7.62 -18.10
N HIS A 471 27.09 -6.31 -18.28
CA HIS A 471 26.18 -5.48 -17.51
C HIS A 471 25.31 -4.61 -18.41
N PHE A 472 24.28 -4.02 -17.81
CA PHE A 472 23.43 -3.09 -18.51
C PHE A 472 23.16 -1.86 -17.66
N THR A 473 22.90 -0.73 -18.33
CA THR A 473 22.57 0.51 -17.64
C THR A 473 21.22 0.37 -16.92
N LYS A 474 21.16 0.90 -15.70
CA LYS A 474 19.95 0.76 -14.89
C LYS A 474 18.98 1.93 -15.13
N PRO A 475 17.69 1.60 -15.29
CA PRO A 475 16.62 2.61 -15.32
C PRO A 475 16.36 3.09 -13.90
N PRO A 476 15.68 4.22 -13.74
CA PRO A 476 15.30 4.72 -12.41
C PRO A 476 14.60 3.65 -11.58
N ALA A 477 14.92 3.56 -10.30
CA ALA A 477 14.30 2.56 -9.42
C ALA A 477 12.84 2.90 -9.17
N ARG A 478 11.99 1.88 -9.17
CA ARG A 478 10.58 2.07 -8.87
C ARG A 478 10.39 2.49 -7.42
N PHE A 479 9.26 3.13 -7.14
CA PHE A 479 8.93 3.48 -5.77
C PHE A 479 8.57 2.23 -4.98
N SER A 480 9.01 2.17 -3.73
CA SER A 480 8.43 1.25 -2.77
C SER A 480 7.32 2.04 -2.08
N GLU A 481 6.56 1.39 -1.21
CA GLU A 481 5.55 2.09 -0.43
C GLU A 481 6.18 3.14 0.48
N ALA A 482 7.40 2.86 0.92
CA ALA A 482 8.12 3.74 1.84
C ALA A 482 8.90 4.83 1.11
N SER A 483 9.50 4.47 -0.02
CA SER A 483 10.30 5.41 -0.80
C SER A 483 9.42 6.47 -1.46
N LEU A 484 8.14 6.14 -1.66
CA LEU A 484 7.18 7.12 -2.15
C LEU A 484 6.85 8.13 -1.07
N VAL A 485 6.66 7.64 0.15
CA VAL A 485 6.46 8.49 1.32
C VAL A 485 7.67 9.40 1.51
N LYS A 486 8.85 8.83 1.34
CA LYS A 486 10.11 9.57 1.43
C LYS A 486 10.13 10.70 0.40
N GLU A 487 9.45 10.48 -0.72
CA GLU A 487 9.35 11.49 -1.78
C GLU A 487 8.26 12.52 -1.46
N LEU A 488 7.18 12.05 -0.86
CA LEU A 488 6.09 12.93 -0.45
C LEU A 488 6.55 13.91 0.63
N GLU A 489 7.45 13.45 1.49
CA GLU A 489 8.00 14.28 2.56
C GLU A 489 9.00 15.28 2.00
N LYS A 490 9.75 14.85 0.98
CA LYS A 490 10.75 15.69 0.34
C LYS A 490 10.08 16.87 -0.36
N ARG A 491 8.87 16.66 -0.85
CA ARG A 491 8.15 17.67 -1.59
C ARG A 491 7.15 18.42 -0.72
N GLY A 492 7.09 18.07 0.56
CA GLY A 492 6.18 18.71 1.49
C GLY A 492 4.74 18.27 1.31
N ILE A 493 4.54 17.20 0.55
CA ILE A 493 3.21 16.66 0.33
C ILE A 493 2.80 15.77 1.50
N GLY A 494 1.63 16.02 2.06
CA GLY A 494 1.13 15.21 3.15
C GLY A 494 1.91 15.34 4.44
N ARG A 495 1.37 14.74 5.50
CA ARG A 495 1.95 14.85 6.83
C ARG A 495 2.09 13.45 7.44
N PRO A 496 2.89 13.33 8.52
CA PRO A 496 3.02 12.07 9.25
C PRO A 496 1.67 11.43 9.59
N SER A 497 0.67 12.26 9.88
CA SER A 497 -0.66 11.78 10.20
C SER A 497 -1.41 11.21 8.99
N THR A 498 -0.93 11.52 7.78
CA THR A 498 -1.64 11.14 6.56
C THR A 498 -0.81 10.31 5.57
N TYR A 499 0.47 10.08 5.88
CA TYR A 499 1.36 9.32 5.00
C TYR A 499 0.81 7.94 4.65
N ALA A 500 0.36 7.22 5.66
CA ALA A 500 -0.10 5.85 5.47
C ALA A 500 -1.46 5.78 4.78
N SER A 501 -2.29 6.79 5.01
CA SER A 501 -3.61 6.84 4.39
C SER A 501 -3.50 7.14 2.89
N ILE A 502 -2.52 7.96 2.52
CA ILE A 502 -2.24 8.25 1.11
C ILE A 502 -1.83 6.98 0.37
N ILE A 503 -0.84 6.29 0.90
CA ILE A 503 -0.35 5.04 0.32
C ILE A 503 -1.46 4.00 0.19
N SER A 504 -2.33 3.95 1.20
CA SER A 504 -3.44 3.00 1.22
C SER A 504 -4.55 3.37 0.23
N THR A 505 -4.84 4.66 0.11
CA THR A 505 -6.00 5.12 -0.65
C THR A 505 -5.76 5.41 -2.12
N ILE A 506 -4.52 5.21 -2.59
CA ILE A 506 -4.22 5.33 -4.01
C ILE A 506 -4.24 3.95 -4.64
N GLN A 507 -4.33 2.93 -3.79
CA GLN A 507 -4.42 1.55 -4.24
C GLN A 507 -5.87 1.10 -4.26
N ASP A 508 -6.14 0.01 -4.99
CA ASP A 508 -7.51 -0.50 -5.16
C ASP A 508 -8.44 0.57 -5.74
N ARG A 509 -7.87 1.48 -6.51
CA ARG A 509 -8.63 2.51 -7.19
C ARG A 509 -8.45 2.36 -8.69
N GLY A 510 -7.50 1.52 -9.09
CA GLY A 510 -7.24 1.26 -10.48
C GLY A 510 -6.23 2.21 -11.10
N TYR A 511 -5.58 3.00 -10.25
CA TYR A 511 -4.61 3.99 -10.71
C TYR A 511 -3.19 3.45 -10.65
N VAL A 512 -2.86 2.83 -9.52
CA VAL A 512 -1.57 2.19 -9.34
C VAL A 512 -1.75 0.83 -8.68
N ARG A 513 -0.66 0.11 -8.50
CA ARG A 513 -0.69 -1.15 -7.77
C ARG A 513 0.69 -1.49 -7.23
N VAL A 514 0.73 -2.30 -6.18
CA VAL A 514 2.00 -2.73 -5.61
C VAL A 514 2.19 -4.22 -5.84
N GLU A 515 3.17 -4.56 -6.66
CA GLU A 515 3.54 -5.95 -6.88
C GLU A 515 5.04 -6.06 -6.69
N ASN A 516 5.47 -7.13 -6.02
CA ASN A 516 6.87 -7.30 -5.66
C ASN A 516 7.42 -6.11 -4.86
N ARG A 517 6.60 -5.61 -3.94
CA ARG A 517 6.96 -4.50 -3.05
C ARG A 517 7.38 -3.23 -3.81
N ARG A 518 6.81 -3.06 -5.00
CA ARG A 518 7.13 -1.89 -5.82
C ARG A 518 5.88 -1.35 -6.50
N PHE A 519 5.83 -0.04 -6.70
CA PHE A 519 4.69 0.59 -7.34
C PHE A 519 4.70 0.44 -8.85
N TYR A 520 3.55 0.07 -9.41
CA TYR A 520 3.35 0.05 -10.85
C TYR A 520 2.18 0.96 -11.18
N ALA A 521 2.35 1.79 -12.21
CA ALA A 521 1.26 2.66 -12.65
C ALA A 521 0.35 1.93 -13.62
N GLU A 522 -0.96 2.00 -13.37
CA GLU A 522 -1.93 1.44 -14.30
C GLU A 522 -2.21 2.46 -15.40
N LYS A 523 -2.82 2.00 -16.49
CA LYS A 523 -3.09 2.90 -17.61
C LYS A 523 -4.12 3.96 -17.26
N MET A 524 -5.13 3.57 -16.46
CA MET A 524 -6.10 4.54 -15.97
C MET A 524 -5.42 5.56 -15.07
N GLY A 525 -4.31 5.17 -14.46
CA GLY A 525 -3.50 6.09 -13.70
C GLY A 525 -2.95 7.19 -14.59
N GLU A 526 -2.23 6.79 -15.63
CA GLU A 526 -1.62 7.73 -16.58
C GLU A 526 -2.64 8.62 -17.29
N ILE A 527 -3.81 8.05 -17.60
CA ILE A 527 -4.86 8.77 -18.31
C ILE A 527 -5.50 9.86 -17.44
N VAL A 528 -6.03 9.46 -16.28
CA VAL A 528 -6.64 10.39 -15.33
C VAL A 528 -5.64 11.46 -14.90
N THR A 529 -4.42 11.03 -14.58
CA THR A 529 -3.33 11.96 -14.20
C THR A 529 -3.11 13.02 -15.28
N ASP A 530 -3.07 12.60 -16.53
CA ASP A 530 -2.90 13.53 -17.64
C ASP A 530 -4.10 14.46 -17.77
N ARG A 531 -5.30 13.91 -17.62
CA ARG A 531 -6.53 14.70 -17.69
C ARG A 531 -6.56 15.78 -16.61
N LEU A 532 -6.32 15.36 -15.38
CA LEU A 532 -6.33 16.27 -14.23
C LEU A 532 -5.27 17.36 -14.37
N GLU A 533 -4.12 17.01 -14.94
CA GLU A 533 -3.05 17.98 -15.19
C GLU A 533 -3.49 19.05 -16.17
N GLU A 534 -4.45 18.70 -17.03
CA GLU A 534 -4.91 19.59 -18.09
C GLU A 534 -6.02 20.54 -17.66
N ASN A 535 -6.82 20.12 -16.68
CA ASN A 535 -7.97 20.93 -16.26
C ASN A 535 -7.91 21.36 -14.79
N PHE A 536 -6.99 20.78 -14.04
CA PHE A 536 -6.78 21.14 -12.64
C PHE A 536 -5.29 21.26 -12.35
N ARG A 537 -4.62 22.15 -13.07
CA ARG A 537 -3.18 22.30 -12.98
C ARG A 537 -2.71 22.66 -11.56
N GLU A 538 -3.42 23.58 -10.92
CA GLU A 538 -3.08 23.99 -9.56
C GLU A 538 -3.32 22.88 -8.53
N LEU A 539 -4.40 22.13 -8.74
CA LEU A 539 -4.78 21.07 -7.82
C LEU A 539 -3.81 19.90 -7.90
N MET A 540 -3.12 19.79 -9.03
CA MET A 540 -2.18 18.71 -9.27
C MET A 540 -0.73 19.19 -9.12
N ASN A 541 -0.56 20.47 -8.80
CA ASN A 541 0.76 21.04 -8.61
C ASN A 541 1.36 20.58 -7.28
N TYR A 542 2.64 20.19 -7.32
CA TYR A 542 3.34 19.75 -6.12
C TYR A 542 3.46 20.88 -5.10
N ASP A 543 4.06 22.00 -5.53
CA ASP A 543 4.28 23.15 -4.65
C ASP A 543 3.00 23.70 -4.04
N PHE A 544 1.96 23.82 -4.86
CA PHE A 544 0.66 24.31 -4.39
C PHE A 544 0.03 23.35 -3.39
N THR A 545 0.18 22.05 -3.65
CA THR A 545 -0.32 21.01 -2.76
C THR A 545 0.44 21.08 -1.43
N ALA A 546 1.73 21.38 -1.51
CA ALA A 546 2.54 21.56 -0.31
C ALA A 546 2.10 22.81 0.44
N GLN A 547 1.83 23.88 -0.30
CA GLN A 547 1.36 25.14 0.29
C GLN A 547 0.04 24.96 1.03
N MET A 548 -0.79 24.03 0.56
CA MET A 548 -2.09 23.80 1.19
C MET A 548 -1.92 23.14 2.55
N GLU A 549 -0.88 22.34 2.70
CA GLU A 549 -0.54 21.75 3.99
C GLU A 549 -0.13 22.85 4.95
N ASN A 550 0.61 23.83 4.43
CA ASN A 550 1.04 24.98 5.22
C ASN A 550 -0.15 25.84 5.68
N SER A 551 -1.12 26.01 4.80
CA SER A 551 -2.31 26.80 5.12
C SER A 551 -3.11 26.17 6.26
N LEU A 552 -3.06 24.85 6.36
CA LEU A 552 -3.72 24.12 7.43
C LEU A 552 -2.96 24.26 8.75
N ASP A 553 -1.62 24.28 8.66
CA ASP A 553 -0.78 24.56 9.81
C ASP A 553 -1.06 25.98 10.31
N GLN A 554 -1.24 26.91 9.38
CA GLN A 554 -1.55 28.30 9.70
C GLN A 554 -2.90 28.42 10.39
N VAL A 555 -3.87 27.60 9.97
CA VAL A 555 -5.17 27.54 10.62
C VAL A 555 -5.02 26.98 12.03
N ALA A 556 -4.21 25.94 12.17
CA ALA A 556 -3.96 25.30 13.46
C ALA A 556 -3.18 26.20 14.42
N ASN A 557 -2.46 27.18 13.87
CA ASN A 557 -1.65 28.08 14.69
C ASN A 557 -2.26 29.47 14.84
N HIS A 558 -3.55 29.57 14.54
CA HIS A 558 -4.30 30.81 14.70
C HIS A 558 -3.74 31.94 13.83
N GLU A 559 -3.20 31.56 12.68
CA GLU A 559 -2.65 32.53 11.73
C GLU A 559 -3.53 32.63 10.50
N ALA A 560 -4.68 31.96 10.56
CA ALA A 560 -5.66 31.94 9.48
C ALA A 560 -6.97 31.36 9.98
N GLU A 561 -8.09 31.81 9.40
CA GLU A 561 -9.39 31.28 9.76
C GLU A 561 -9.76 30.18 8.75
N TRP A 562 -10.32 29.08 9.26
CA TRP A 562 -10.54 27.89 8.44
C TRP A 562 -11.57 28.05 7.32
N LYS A 563 -12.69 28.68 7.62
CA LYS A 563 -13.75 28.90 6.64
C LYS A 563 -13.29 29.84 5.53
N ALA A 564 -12.38 30.74 5.86
CA ALA A 564 -11.80 31.66 4.88
C ALA A 564 -10.88 30.94 3.91
N VAL A 565 -10.09 30.01 4.43
CA VAL A 565 -9.17 29.22 3.62
C VAL A 565 -9.94 28.32 2.67
N LEU A 566 -11.03 27.73 3.18
CA LEU A 566 -11.92 26.92 2.38
C LEU A 566 -12.54 27.73 1.23
N ASP A 567 -12.90 28.97 1.53
CA ASP A 567 -13.49 29.87 0.54
C ASP A 567 -12.53 30.18 -0.60
N HIS A 568 -11.26 30.41 -0.26
N HIS A 568 -11.26 30.42 -0.25
CA HIS A 568 -10.25 30.69 -1.27
CA HIS A 568 -10.24 30.69 -1.25
C HIS A 568 -9.94 29.44 -2.08
C HIS A 568 -9.93 29.45 -2.07
N PHE A 569 -10.04 28.29 -1.44
CA PHE A 569 -9.83 27.01 -2.11
C PHE A 569 -10.99 26.72 -3.05
N PHE A 570 -12.21 26.82 -2.52
CA PHE A 570 -13.40 26.48 -3.28
C PHE A 570 -13.61 27.42 -4.46
N SER A 571 -13.06 28.63 -4.36
CA SER A 571 -13.16 29.60 -5.44
C SER A 571 -12.26 29.20 -6.61
N ASP A 572 -11.04 28.78 -6.29
CA ASP A 572 -10.09 28.33 -7.30
C ASP A 572 -10.51 26.98 -7.88
N PHE A 573 -11.27 26.21 -7.11
CA PHE A 573 -11.71 24.89 -7.53
C PHE A 573 -12.83 24.96 -8.56
N THR A 574 -13.86 25.76 -8.28
CA THR A 574 -14.99 25.91 -9.17
C THR A 574 -14.58 26.50 -10.52
N GLN A 575 -13.67 27.47 -10.47
CA GLN A 575 -13.13 28.10 -11.68
C GLN A 575 -12.50 27.05 -12.59
N GLN A 576 -11.76 26.13 -11.98
CA GLN A 576 -11.15 25.02 -12.71
C GLN A 576 -12.21 24.02 -13.16
N LEU A 577 -13.14 23.71 -12.25
CA LEU A 577 -14.17 22.71 -12.54
C LEU A 577 -15.10 23.15 -13.66
N ASP A 578 -15.47 24.42 -13.68
CA ASP A 578 -16.40 24.94 -14.68
C ASP A 578 -15.85 24.80 -16.10
N LYS A 579 -14.61 25.21 -16.30
CA LYS A 579 -13.96 25.10 -17.61
C LYS A 579 -13.86 23.64 -18.05
N ALA A 580 -13.67 22.75 -17.08
CA ALA A 580 -13.52 21.33 -17.35
C ALA A 580 -14.85 20.66 -17.72
N GLU A 581 -15.94 21.11 -17.11
CA GLU A 581 -17.27 20.57 -17.40
C GLU A 581 -17.71 20.87 -18.82
N LYS A 582 -17.15 21.92 -19.40
CA LYS A 582 -17.53 22.36 -20.73
C LYS A 582 -17.06 21.38 -21.81
N ASP A 583 -17.46 21.63 -23.05
CA ASP A 583 -17.09 20.77 -24.17
C ASP A 583 -15.64 21.01 -24.56
N PRO A 584 -14.93 19.92 -24.94
CA PRO A 584 -13.49 19.92 -25.23
C PRO A 584 -13.04 20.93 -26.28
N GLU A 585 -13.98 21.49 -27.04
CA GLU A 585 -13.65 22.53 -28.01
C GLU A 585 -13.37 23.86 -27.32
N GLU A 586 -14.17 24.19 -26.31
CA GLU A 586 -14.01 25.43 -25.57
C GLU A 586 -13.32 25.24 -24.21
N GLY A 587 -12.23 24.48 -24.20
CA GLY A 587 -11.44 24.30 -22.99
C GLY A 587 -11.92 23.20 -22.06
N GLY A 588 -12.85 22.38 -22.54
CA GLY A 588 -13.35 21.27 -21.75
C GLY A 588 -12.34 20.14 -21.65
N MET A 589 -12.63 19.16 -20.80
CA MET A 589 -11.73 18.02 -20.66
C MET A 589 -11.87 17.07 -21.86
N ARG A 590 -10.74 16.74 -22.47
CA ARG A 590 -10.72 15.82 -23.61
C ARG A 590 -11.28 14.47 -23.21
N PRO A 591 -12.12 13.88 -24.07
CA PRO A 591 -12.73 12.58 -23.79
C PRO A 591 -11.71 11.45 -23.92
N ASN A 592 -12.08 10.25 -23.46
CA ASN A 592 -11.20 9.10 -23.58
C ASN A 592 -10.96 8.75 -25.03
N GLN A 593 -9.69 8.63 -25.42
CA GLN A 593 -9.34 8.33 -26.80
C GLN A 593 -9.47 6.85 -27.11
N MET A 594 -8.98 6.47 -28.28
CA MET A 594 -9.11 5.10 -28.78
C MET A 594 -8.08 4.88 -29.88
N VAL A 595 -7.42 3.73 -29.85
CA VAL A 595 -6.45 3.39 -30.88
C VAL A 595 -6.89 2.17 -31.67
N LEU A 596 -7.13 2.37 -32.96
CA LEU A 596 -7.63 1.30 -33.83
C LEU A 596 -6.54 0.28 -34.17
N THR A 597 -6.91 -0.99 -34.12
CA THR A 597 -6.01 -2.07 -34.47
C THR A 597 -6.47 -2.76 -35.74
N SER A 598 -5.61 -3.64 -36.27
CA SER A 598 -5.96 -4.44 -37.44
C SER A 598 -6.73 -5.69 -37.00
N ILE A 599 -7.16 -5.69 -35.74
CA ILE A 599 -7.88 -6.82 -35.18
C ILE A 599 -9.35 -6.79 -35.56
N ASP A 600 -9.83 -7.88 -36.14
CA ASP A 600 -11.22 -7.98 -36.59
C ASP A 600 -12.11 -8.52 -35.48
N CYS A 601 -13.29 -7.92 -35.34
CA CYS A 601 -14.27 -8.38 -34.36
C CYS A 601 -14.66 -9.82 -34.66
N PRO A 602 -14.69 -10.67 -33.62
CA PRO A 602 -15.06 -12.08 -33.76
C PRO A 602 -16.57 -12.28 -33.92
N THR A 603 -17.36 -11.26 -33.59
CA THR A 603 -18.80 -11.32 -33.73
C THR A 603 -19.25 -10.75 -35.07
N CYS A 604 -18.96 -9.47 -35.30
CA CYS A 604 -19.26 -8.85 -36.59
C CYS A 604 -17.99 -8.82 -37.44
N GLY A 605 -17.88 -7.80 -38.29
CA GLY A 605 -16.70 -7.65 -39.12
C GLY A 605 -16.21 -6.22 -39.17
N ARG A 606 -15.46 -5.82 -38.15
CA ARG A 606 -14.95 -4.45 -38.05
C ARG A 606 -13.60 -4.41 -37.35
N LYS A 607 -12.87 -3.32 -37.58
CA LYS A 607 -11.58 -3.11 -36.94
C LYS A 607 -11.78 -2.77 -35.46
N MET A 608 -10.98 -3.39 -34.59
CA MET A 608 -11.12 -3.17 -33.16
C MET A 608 -10.19 -2.07 -32.64
N GLY A 609 -10.52 -1.55 -31.47
CA GLY A 609 -9.74 -0.49 -30.86
C GLY A 609 -9.35 -0.78 -29.43
N ILE A 610 -8.20 -0.25 -29.03
CA ILE A 610 -7.69 -0.45 -27.68
C ILE A 610 -8.24 0.61 -26.75
N ARG A 611 -9.25 0.25 -25.97
CA ARG A 611 -9.84 1.18 -25.02
C ARG A 611 -9.46 0.80 -23.60
N THR A 612 -9.49 1.78 -22.70
CA THR A 612 -9.09 1.57 -21.31
C THR A 612 -10.24 1.92 -20.36
N ALA A 613 -10.53 1.01 -19.44
CA ALA A 613 -11.56 1.24 -18.43
C ALA A 613 -10.96 1.25 -17.04
N SER A 614 -11.81 1.52 -16.04
CA SER A 614 -11.40 1.48 -14.64
C SER A 614 -10.83 0.11 -14.28
N THR A 615 -11.41 -0.93 -14.85
CA THR A 615 -10.99 -2.30 -14.59
C THR A 615 -9.65 -2.61 -15.27
N GLY A 616 -9.42 -1.99 -16.42
CA GLY A 616 -8.17 -2.19 -17.15
C GLY A 616 -8.28 -1.92 -18.63
N VAL A 617 -7.39 -2.56 -19.39
CA VAL A 617 -7.32 -2.37 -20.84
C VAL A 617 -7.99 -3.55 -21.56
N PHE A 618 -8.71 -3.25 -22.64
CA PHE A 618 -9.35 -4.30 -23.43
C PHE A 618 -9.53 -3.87 -24.88
N LEU A 619 -10.01 -4.80 -25.70
CA LEU A 619 -10.30 -4.51 -27.10
C LEU A 619 -11.81 -4.49 -27.35
N GLY A 620 -12.27 -3.48 -28.06
CA GLY A 620 -13.69 -3.34 -28.34
C GLY A 620 -13.96 -2.96 -29.79
N CYS A 621 -15.06 -3.48 -30.33
CA CYS A 621 -15.42 -3.21 -31.72
C CYS A 621 -15.70 -1.73 -31.96
N SER A 622 -15.27 -1.24 -33.11
CA SER A 622 -15.54 0.13 -33.52
C SER A 622 -17.04 0.34 -33.73
N GLY A 623 -17.76 -0.76 -33.96
CA GLY A 623 -19.21 -0.71 -34.07
C GLY A 623 -19.87 -0.44 -32.74
N TYR A 624 -19.56 0.72 -32.16
CA TYR A 624 -20.10 1.10 -30.86
C TYR A 624 -20.53 2.57 -30.91
N ALA A 625 -19.89 3.31 -31.80
CA ALA A 625 -20.23 4.71 -32.03
C ALA A 625 -21.53 4.83 -32.79
N LEU A 626 -21.97 3.73 -33.38
CA LEU A 626 -23.24 3.68 -34.09
C LEU A 626 -24.40 3.85 -33.10
N PRO A 627 -25.55 4.32 -33.59
CA PRO A 627 -26.77 4.36 -32.77
C PRO A 627 -27.09 2.99 -32.20
N PRO A 628 -27.70 2.94 -31.00
CA PRO A 628 -27.90 1.69 -30.24
C PRO A 628 -28.67 0.61 -31.00
N LYS A 629 -29.37 1.00 -32.05
CA LYS A 629 -30.09 0.05 -32.90
C LYS A 629 -29.12 -0.94 -33.54
N GLU A 630 -27.89 -0.48 -33.78
CA GLU A 630 -26.88 -1.30 -34.43
C GLU A 630 -25.49 -1.07 -33.85
N ARG A 631 -25.33 -1.40 -32.57
CA ARG A 631 -24.03 -1.31 -31.92
C ARG A 631 -23.50 -2.69 -31.57
N CYS A 632 -22.19 -2.88 -31.74
CA CYS A 632 -21.56 -4.14 -31.37
C CYS A 632 -21.05 -4.04 -29.94
N LYS A 633 -21.75 -4.72 -29.03
CA LYS A 633 -21.38 -4.72 -27.63
C LYS A 633 -20.46 -5.89 -27.30
N THR A 634 -19.52 -6.17 -28.19
CA THR A 634 -18.58 -7.26 -27.99
C THR A 634 -17.19 -6.75 -27.63
N THR A 635 -16.59 -7.36 -26.61
CA THR A 635 -15.30 -6.93 -26.10
C THR A 635 -14.37 -8.12 -25.87
N ILE A 636 -13.06 -7.88 -26.00
CA ILE A 636 -12.06 -8.89 -25.70
C ILE A 636 -11.14 -8.39 -24.61
N ASN A 637 -11.22 -8.97 -23.42
CA ASN A 637 -10.37 -8.57 -22.32
C ASN A 637 -8.91 -8.91 -22.59
N LEU A 638 -8.07 -7.87 -22.63
CA LEU A 638 -6.63 -8.05 -22.80
C LEU A 638 -6.01 -8.38 -21.45
N VAL A 639 -5.32 -9.52 -21.37
CA VAL A 639 -4.66 -9.92 -20.13
C VAL A 639 -3.18 -9.58 -20.17
N PRO A 640 -2.75 -8.67 -19.29
CA PRO A 640 -1.35 -8.20 -19.23
C PRO A 640 -0.41 -9.29 -18.72
N GLU A 641 0.78 -9.37 -19.30
CA GLU A 641 1.76 -10.36 -18.87
C GLU A 641 2.28 -10.02 -17.47
N ASN A 642 2.44 -11.04 -16.65
CA ASN A 642 2.86 -10.84 -15.27
C ASN A 642 4.32 -10.42 -15.14
N GLU A 643 4.54 -9.15 -14.82
CA GLU A 643 5.88 -8.65 -14.56
C GLU A 643 6.44 -9.34 -13.32
N VAL A 644 7.07 -10.49 -13.53
CA VAL A 644 7.60 -11.28 -12.43
C VAL A 644 9.11 -11.10 -12.30
N LEU A 645 9.52 -10.50 -11.19
CA LEU A 645 10.93 -10.37 -10.86
C LEU A 645 11.27 -11.47 -9.87
N ASN A 646 10.41 -12.48 -9.79
CA ASN A 646 10.53 -13.58 -8.85
C ASN A 646 11.88 -14.30 -8.90
N VAL A 647 12.51 -14.29 -10.08
CA VAL A 647 13.85 -14.83 -10.24
C VAL A 647 14.83 -14.06 -9.36
N LEU A 648 14.56 -12.76 -9.20
CA LEU A 648 15.39 -11.86 -8.38
C LEU A 648 16.85 -11.94 -8.78
N GLU A 649 17.18 -11.36 -9.92
CA GLU A 649 18.55 -11.35 -10.41
C GLU A 649 19.31 -10.15 -9.84
N GLY A 650 19.21 -9.97 -8.53
CA GLY A 650 19.88 -8.87 -7.85
C GLY A 650 19.23 -7.52 -8.12
N GLU A 651 20.04 -6.48 -8.16
CA GLU A 651 19.55 -5.13 -8.42
C GLU A 651 19.32 -4.92 -9.92
N ASP A 652 19.62 -5.96 -10.70
CA ASP A 652 19.43 -5.92 -12.15
C ASP A 652 18.04 -6.42 -12.54
N ALA A 653 17.25 -6.80 -11.53
CA ALA A 653 15.93 -7.37 -11.76
C ALA A 653 15.01 -6.44 -12.56
N GLU A 654 14.90 -5.20 -12.13
CA GLU A 654 14.09 -4.20 -12.83
C GLU A 654 14.69 -3.85 -14.18
N THR A 655 16.01 -3.98 -14.30
CA THR A 655 16.71 -3.71 -15.55
C THR A 655 16.37 -4.77 -16.61
N ASN A 656 16.52 -6.03 -16.24
CA ASN A 656 16.22 -7.13 -17.14
C ASN A 656 14.74 -7.22 -17.47
N ALA A 657 13.90 -6.75 -16.55
CA ALA A 657 12.45 -6.72 -16.75
C ALA A 657 12.07 -5.71 -17.82
N LEU A 658 12.89 -4.67 -17.98
CA LEU A 658 12.67 -3.66 -18.99
C LEU A 658 13.17 -4.12 -20.36
N ARG A 659 14.29 -4.84 -20.37
CA ARG A 659 14.89 -5.32 -21.61
C ARG A 659 14.03 -6.38 -22.29
N ALA A 660 13.08 -6.94 -21.55
CA ALA A 660 12.16 -7.93 -22.11
C ALA A 660 11.08 -7.25 -22.94
N LYS A 661 10.97 -5.94 -22.80
CA LYS A 661 9.94 -5.18 -23.51
C LYS A 661 10.38 -4.72 -24.89
N ARG A 662 9.47 -4.82 -25.85
CA ARG A 662 9.74 -4.31 -27.19
C ARG A 662 9.70 -2.79 -27.17
N ARG A 663 10.37 -2.18 -28.14
CA ARG A 663 10.36 -0.74 -28.27
C ARG A 663 9.37 -0.37 -29.36
N CYS A 664 8.53 0.63 -29.10
CA CYS A 664 7.55 1.07 -30.08
C CYS A 664 8.20 1.43 -31.41
N PRO A 665 7.67 0.88 -32.51
CA PRO A 665 8.22 1.11 -33.86
C PRO A 665 7.96 2.52 -34.36
N LYS A 666 7.36 3.36 -33.53
CA LYS A 666 7.07 4.74 -33.90
C LYS A 666 7.80 5.75 -33.01
N CYS A 667 7.90 5.47 -31.72
CA CYS A 667 8.52 6.41 -30.78
C CYS A 667 9.67 5.80 -29.98
N GLY A 668 9.76 4.48 -29.97
CA GLY A 668 10.86 3.81 -29.27
C GLY A 668 10.57 3.51 -27.82
N THR A 669 9.44 4.00 -27.32
CA THR A 669 9.04 3.79 -25.93
C THR A 669 8.76 2.31 -25.68
N ALA A 670 9.10 1.84 -24.48
CA ALA A 670 8.87 0.45 -24.09
C ALA A 670 7.38 0.09 -24.19
N MET A 671 7.10 -1.12 -24.65
CA MET A 671 5.72 -1.53 -24.91
C MET A 671 5.16 -2.46 -23.84
N ASP A 672 3.84 -2.43 -23.68
CA ASP A 672 3.17 -3.32 -22.74
C ASP A 672 2.55 -4.50 -23.48
N SER A 673 2.73 -5.70 -22.94
CA SER A 673 2.27 -6.91 -23.62
C SER A 673 0.96 -7.45 -23.04
N TYR A 674 0.03 -7.78 -23.93
CA TYR A 674 -1.24 -8.36 -23.53
C TYR A 674 -1.49 -9.63 -24.33
N LEU A 675 -2.33 -10.52 -23.79
CA LEU A 675 -2.73 -11.73 -24.50
C LEU A 675 -4.16 -11.60 -25.01
N ILE A 676 -4.33 -11.74 -26.33
CA ILE A 676 -5.65 -11.73 -26.93
C ILE A 676 -6.21 -13.13 -26.94
N ASP A 677 -5.56 -14.00 -27.71
CA ASP A 677 -5.92 -15.42 -27.77
C ASP A 677 -4.61 -16.22 -27.64
N PRO A 678 -4.71 -17.55 -27.46
CA PRO A 678 -3.45 -18.30 -27.29
C PRO A 678 -2.59 -18.41 -28.54
N LYS A 679 -2.91 -17.65 -29.59
CA LYS A 679 -2.14 -17.66 -30.82
C LYS A 679 -1.64 -16.25 -31.16
N ARG A 680 -2.30 -15.23 -30.63
CA ARG A 680 -1.92 -13.85 -30.87
C ARG A 680 -1.57 -13.11 -29.58
N LYS A 681 -0.70 -12.12 -29.69
CA LYS A 681 -0.21 -11.39 -28.52
C LYS A 681 -0.05 -9.92 -28.87
N LEU A 682 -0.76 -9.06 -28.14
CA LEU A 682 -0.78 -7.64 -28.48
C LEU A 682 0.23 -6.82 -27.69
N HIS A 683 1.15 -6.18 -28.41
CA HIS A 683 2.10 -5.25 -27.80
C HIS A 683 1.62 -3.82 -28.03
N VAL A 684 1.49 -3.06 -26.95
CA VAL A 684 1.01 -1.69 -27.02
C VAL A 684 2.07 -0.72 -26.50
N CYS A 685 2.26 0.39 -27.21
CA CYS A 685 3.21 1.42 -26.78
C CYS A 685 2.90 1.92 -25.37
N GLY A 686 3.95 2.26 -24.64
CA GLY A 686 3.82 2.75 -23.28
C GLY A 686 3.11 4.08 -23.20
N ASN A 687 3.13 4.83 -24.30
CA ASN A 687 2.48 6.13 -24.36
C ASN A 687 1.09 6.10 -24.99
N ASN A 688 0.42 4.95 -24.93
CA ASN A 688 -0.97 4.84 -25.34
C ASN A 688 -1.81 5.73 -24.43
N PRO A 689 -2.78 6.47 -25.00
CA PRO A 689 -3.15 6.44 -26.43
C PRO A 689 -2.58 7.62 -27.21
N THR A 690 -1.56 8.29 -26.68
CA THR A 690 -0.93 9.41 -27.38
C THR A 690 -0.13 8.89 -28.56
N CYS A 691 0.36 7.66 -28.43
CA CYS A 691 1.03 6.98 -29.54
C CYS A 691 0.18 5.80 -30.01
N ASP A 692 -0.21 5.82 -31.27
CA ASP A 692 -1.07 4.79 -31.84
C ASP A 692 -0.29 3.51 -32.18
N GLY A 693 0.99 3.50 -31.82
CA GLY A 693 1.85 2.37 -32.11
C GLY A 693 1.45 1.09 -31.39
N TYR A 694 1.49 -0.01 -32.12
CA TYR A 694 1.26 -1.33 -31.55
C TYR A 694 1.86 -2.41 -32.46
N GLU A 695 1.94 -3.63 -31.94
CA GLU A 695 2.41 -4.77 -32.71
C GLU A 695 1.62 -6.00 -32.32
N ILE A 696 1.58 -6.98 -33.20
CA ILE A 696 0.93 -8.26 -32.89
C ILE A 696 1.91 -9.40 -33.10
N GLU A 697 2.24 -10.09 -32.02
CA GLU A 697 3.17 -11.20 -32.07
C GLU A 697 2.43 -12.52 -32.26
N GLU A 698 2.43 -13.03 -33.49
CA GLU A 698 1.88 -14.35 -33.75
C GLU A 698 2.76 -15.39 -33.06
N GLY A 699 2.13 -16.35 -32.40
CA GLY A 699 2.86 -17.38 -31.69
C GLY A 699 1.96 -18.45 -31.11
N GLU A 700 2.50 -19.22 -30.17
CA GLU A 700 1.74 -20.27 -29.50
C GLU A 700 1.96 -20.16 -28.00
N PHE A 701 1.12 -19.37 -27.34
CA PHE A 701 1.32 -19.06 -25.93
C PHE A 701 0.42 -19.90 -25.04
N ARG A 702 0.67 -19.86 -23.73
CA ARG A 702 -0.06 -20.67 -22.78
C ARG A 702 -0.77 -19.82 -21.73
N ILE A 703 -1.97 -20.25 -21.35
CA ILE A 703 -2.76 -19.56 -20.34
C ILE A 703 -2.48 -20.22 -18.99
N LYS A 704 -2.94 -19.59 -17.90
CA LYS A 704 -2.67 -20.07 -16.56
C LYS A 704 -3.26 -21.46 -16.29
N GLY A 705 -4.41 -21.74 -16.90
CA GLY A 705 -5.07 -23.02 -16.71
C GLY A 705 -4.85 -23.99 -17.86
N TYR A 706 -3.67 -23.94 -18.46
CA TYR A 706 -3.32 -24.82 -19.57
C TYR A 706 -3.12 -26.25 -19.08
N ASP A 707 -2.66 -26.38 -17.84
CA ASP A 707 -2.38 -27.68 -17.24
C ASP A 707 -3.56 -28.17 -16.43
N GLY A 708 -4.69 -27.49 -16.56
CA GLY A 708 -5.89 -27.85 -15.84
C GLY A 708 -6.44 -29.20 -16.27
N PRO A 709 -7.38 -29.74 -15.49
CA PRO A 709 -7.95 -31.04 -15.83
C PRO A 709 -8.95 -30.93 -16.99
N ILE A 710 -9.32 -32.08 -17.56
CA ILE A 710 -10.32 -32.12 -18.62
C ILE A 710 -11.38 -33.15 -18.24
N VAL A 711 -12.63 -32.86 -18.55
CA VAL A 711 -13.71 -33.76 -18.21
C VAL A 711 -14.85 -33.66 -19.23
N GLU A 712 -15.70 -34.68 -19.28
CA GLU A 712 -16.78 -34.73 -20.26
C GLU A 712 -18.03 -34.03 -19.75
N CYS A 713 -18.61 -33.18 -20.58
CA CYS A 713 -19.85 -32.48 -20.22
C CYS A 713 -21.03 -33.44 -20.13
N GLU A 714 -21.87 -33.24 -19.13
CA GLU A 714 -23.03 -34.09 -18.90
C GLU A 714 -24.04 -33.96 -20.04
N LYS A 715 -24.17 -32.74 -20.57
CA LYS A 715 -25.13 -32.47 -21.63
C LYS A 715 -24.62 -32.89 -23.01
N CYS A 716 -23.86 -32.01 -23.65
CA CYS A 716 -23.42 -32.23 -25.03
C CYS A 716 -22.50 -33.44 -25.21
N GLY A 717 -21.57 -33.62 -24.28
CA GLY A 717 -20.64 -34.73 -24.35
C GLY A 717 -19.27 -34.32 -24.85
N SER A 718 -19.10 -33.01 -25.08
CA SER A 718 -17.82 -32.46 -25.49
C SER A 718 -16.88 -32.31 -24.29
N GLU A 719 -15.71 -31.75 -24.52
CA GLU A 719 -14.72 -31.60 -23.45
C GLU A 719 -14.99 -30.36 -22.60
N MET A 720 -14.56 -30.43 -21.34
CA MET A 720 -14.65 -29.27 -20.45
C MET A 720 -13.25 -28.90 -19.99
N HIS A 721 -12.86 -27.65 -20.25
CA HIS A 721 -11.54 -27.17 -19.86
C HIS A 721 -11.62 -26.24 -18.67
N LEU A 722 -10.46 -25.79 -18.21
CA LEU A 722 -10.37 -24.97 -17.02
C LEU A 722 -10.26 -23.48 -17.37
N LYS A 723 -11.14 -22.69 -16.78
CA LYS A 723 -11.05 -21.23 -16.86
C LYS A 723 -10.98 -20.69 -15.44
N MET A 724 -10.15 -19.67 -15.24
CA MET A 724 -10.00 -19.07 -13.92
C MET A 724 -10.66 -17.68 -13.90
N GLY A 725 -11.85 -17.62 -13.30
CA GLY A 725 -12.59 -16.37 -13.23
C GLY A 725 -12.34 -15.62 -11.94
N ARG A 726 -13.26 -14.71 -11.62
CA ARG A 726 -13.13 -13.86 -10.44
C ARG A 726 -13.92 -14.44 -9.26
N PHE A 727 -14.61 -15.55 -9.51
CA PHE A 727 -15.43 -16.19 -8.48
C PHE A 727 -14.88 -17.57 -8.12
N GLY A 728 -13.63 -17.81 -8.47
CA GLY A 728 -13.00 -19.10 -8.24
C GLY A 728 -12.76 -19.83 -9.56
N LYS A 729 -11.89 -20.83 -9.53
CA LYS A 729 -11.59 -21.62 -10.71
C LYS A 729 -12.79 -22.49 -11.09
N TYR A 730 -13.11 -22.54 -12.39
CA TYR A 730 -14.27 -23.29 -12.84
C TYR A 730 -14.03 -24.03 -14.15
N MET A 731 -14.88 -25.02 -14.41
CA MET A 731 -14.80 -25.83 -15.62
C MET A 731 -15.88 -25.41 -16.61
N ALA A 732 -15.48 -24.78 -17.71
CA ALA A 732 -16.43 -24.40 -18.75
C ALA A 732 -16.40 -25.41 -19.88
N CYS A 733 -17.57 -25.69 -20.47
CA CYS A 733 -17.62 -26.58 -21.62
C CYS A 733 -17.03 -25.88 -22.84
N THR A 734 -16.45 -26.66 -23.74
CA THR A 734 -15.81 -26.11 -24.94
C THR A 734 -16.82 -25.86 -26.05
N ASN A 735 -18.05 -26.34 -25.87
CA ASN A 735 -19.10 -26.11 -26.85
C ASN A 735 -19.81 -24.78 -26.59
N GLU A 736 -19.74 -23.88 -27.57
CA GLU A 736 -20.39 -22.58 -27.48
C GLU A 736 -21.90 -22.71 -27.67
N GLU A 737 -22.52 -23.55 -26.86
CA GLU A 737 -23.96 -23.79 -26.96
C GLU A 737 -24.55 -24.18 -25.61
N CYS A 738 -23.70 -24.68 -24.71
CA CYS A 738 -24.14 -25.03 -23.36
C CYS A 738 -23.22 -24.39 -22.33
N LYS A 739 -23.70 -24.35 -21.08
CA LYS A 739 -22.95 -23.72 -20.00
C LYS A 739 -22.99 -24.59 -18.75
N ASN A 740 -23.16 -25.89 -18.93
CA ASN A 740 -23.12 -26.84 -17.83
C ASN A 740 -21.73 -26.86 -17.23
N THR A 741 -21.49 -26.01 -16.25
CA THR A 741 -20.17 -25.85 -15.65
C THR A 741 -19.92 -26.79 -14.49
N ARG A 742 -18.70 -26.71 -13.95
CA ARG A 742 -18.34 -27.46 -12.76
C ARG A 742 -17.41 -26.59 -11.91
N LYS A 743 -17.43 -26.81 -10.60
CA LYS A 743 -16.56 -26.05 -9.71
C LYS A 743 -15.24 -26.80 -9.49
N ILE A 744 -14.16 -26.04 -9.34
CA ILE A 744 -12.86 -26.62 -9.04
C ILE A 744 -12.59 -26.53 -7.54
N LEU A 745 -12.28 -27.68 -6.93
CA LEU A 745 -11.98 -27.73 -5.51
C LEU A 745 -10.49 -27.48 -5.31
N ARG A 746 -9.95 -27.97 -4.20
CA ARG A 746 -8.53 -27.79 -3.91
C ARG A 746 -7.66 -28.82 -4.63
N ASN A 747 -6.49 -28.39 -5.08
CA ASN A 747 -5.49 -29.28 -5.68
C ASN A 747 -5.96 -30.06 -6.91
N GLY A 748 -6.66 -29.38 -7.80
CA GLY A 748 -7.01 -29.95 -9.10
C GLY A 748 -8.22 -30.86 -9.12
N GLU A 749 -8.84 -31.09 -7.97
CA GLU A 749 -10.03 -31.94 -7.93
C GLU A 749 -11.22 -31.22 -8.57
N VAL A 750 -12.12 -31.98 -9.16
CA VAL A 750 -13.27 -31.42 -9.86
C VAL A 750 -14.57 -31.83 -9.13
N ALA A 751 -15.58 -30.97 -9.20
CA ALA A 751 -16.84 -31.21 -8.49
C ALA A 751 -17.78 -32.13 -9.26
N PRO A 752 -18.64 -32.86 -8.54
CA PRO A 752 -19.76 -33.62 -9.10
C PRO A 752 -20.59 -32.79 -10.08
N PRO A 753 -21.32 -33.44 -11.00
CA PRO A 753 -21.99 -32.78 -12.13
C PRO A 753 -23.04 -31.72 -11.77
N LYS A 754 -22.82 -30.99 -10.68
CA LYS A 754 -23.68 -29.86 -10.30
C LYS A 754 -25.14 -30.28 -10.10
N GLU A 755 -26.03 -29.29 -10.01
CA GLU A 755 -27.46 -29.53 -9.88
C GLU A 755 -28.21 -28.22 -10.13
N ASP A 756 -29.34 -28.32 -10.82
CA ASP A 756 -30.17 -27.14 -11.08
C ASP A 756 -30.86 -26.69 -9.80
N PRO A 757 -30.89 -25.37 -9.56
CA PRO A 757 -31.53 -24.80 -8.37
C PRO A 757 -33.03 -25.08 -8.36
N VAL A 758 -33.66 -24.89 -7.20
CA VAL A 758 -35.10 -25.08 -7.08
C VAL A 758 -35.79 -23.77 -6.69
N PRO A 759 -36.60 -23.22 -7.60
CA PRO A 759 -37.31 -21.96 -7.37
C PRO A 759 -38.53 -22.16 -6.48
N LEU A 760 -39.16 -21.06 -6.06
CA LEU A 760 -40.30 -21.14 -5.17
C LEU A 760 -41.26 -19.95 -5.32
N PRO A 761 -42.56 -20.24 -5.43
CA PRO A 761 -43.61 -19.22 -5.54
C PRO A 761 -44.02 -18.69 -4.17
N GLU A 762 -44.48 -17.45 -4.12
CA GLU A 762 -44.93 -16.81 -2.88
C GLU A 762 -43.90 -16.87 -1.75
N LEU A 763 -42.64 -16.71 -2.11
CA LEU A 763 -41.56 -16.60 -1.13
C LEU A 763 -40.66 -15.43 -1.50
N PRO A 764 -41.18 -14.20 -1.36
CA PRO A 764 -40.47 -13.00 -1.83
C PRO A 764 -39.22 -12.70 -1.00
N CYS A 765 -38.43 -11.75 -1.45
CA CYS A 765 -37.20 -11.38 -0.76
C CYS A 765 -37.42 -10.24 0.23
N GLU A 766 -36.38 -9.46 0.48
CA GLU A 766 -36.44 -8.36 1.44
C GLU A 766 -35.68 -7.13 0.94
N LYS A 767 -35.43 -7.08 -0.36
CA LYS A 767 -34.73 -5.96 -0.96
C LYS A 767 -35.25 -5.68 -2.38
N SER A 768 -35.31 -6.71 -3.20
CA SER A 768 -35.79 -6.58 -4.57
C SER A 768 -37.13 -7.28 -4.76
N ASP A 769 -37.68 -7.18 -5.97
CA ASP A 769 -38.93 -7.85 -6.31
C ASP A 769 -38.67 -9.29 -6.73
N ALA A 770 -37.53 -9.83 -6.29
CA ALA A 770 -37.16 -11.19 -6.61
C ALA A 770 -37.75 -12.18 -5.60
N TYR A 771 -37.76 -13.45 -5.98
CA TYR A 771 -38.20 -14.50 -5.06
C TYR A 771 -37.02 -15.36 -4.64
N PHE A 772 -37.28 -16.37 -3.83
CA PHE A 772 -36.23 -17.23 -3.31
C PHE A 772 -36.10 -18.55 -4.06
N VAL A 773 -34.86 -18.99 -4.25
CA VAL A 773 -34.59 -20.29 -4.86
C VAL A 773 -33.66 -21.09 -3.95
N LEU A 774 -33.85 -22.40 -3.92
CA LEU A 774 -33.05 -23.26 -3.05
C LEU A 774 -31.79 -23.76 -3.75
N ARG A 775 -30.63 -23.32 -3.28
CA ARG A 775 -29.35 -23.73 -3.84
C ARG A 775 -28.63 -24.72 -2.93
N ASP A 776 -27.53 -25.26 -3.44
CA ASP A 776 -26.67 -26.14 -2.65
C ASP A 776 -25.22 -25.71 -2.82
N GLY A 777 -24.53 -25.49 -1.71
CA GLY A 777 -23.14 -25.05 -1.75
C GLY A 777 -22.25 -25.78 -0.76
N ALA A 778 -21.09 -25.18 -0.47
CA ALA A 778 -20.16 -25.75 0.50
C ALA A 778 -20.76 -25.75 1.90
N ALA A 779 -21.74 -24.88 2.12
CA ALA A 779 -22.45 -24.81 3.39
C ALA A 779 -23.73 -25.62 3.34
N GLY A 780 -23.70 -26.72 2.59
CA GLY A 780 -24.84 -27.60 2.46
C GLY A 780 -25.91 -27.07 1.51
N VAL A 781 -27.16 -27.14 1.94
CA VAL A 781 -28.29 -26.69 1.13
C VAL A 781 -28.90 -25.45 1.75
N PHE A 782 -29.05 -24.39 0.96
CA PHE A 782 -29.63 -23.15 1.46
C PHE A 782 -30.66 -22.54 0.50
N LEU A 783 -31.01 -21.30 0.77
CA LEU A 783 -32.08 -20.62 0.04
C LEU A 783 -31.63 -19.22 -0.37
N ALA A 784 -31.56 -18.97 -1.67
CA ALA A 784 -31.05 -17.70 -2.17
C ALA A 784 -32.00 -17.03 -3.18
N ALA A 785 -31.68 -15.80 -3.55
CA ALA A 785 -32.49 -15.03 -4.48
C ALA A 785 -32.57 -15.67 -5.85
N ASN A 786 -33.51 -15.19 -6.66
CA ASN A 786 -33.68 -15.70 -8.02
C ASN A 786 -32.90 -14.87 -9.03
N THR A 787 -32.74 -13.59 -8.74
CA THR A 787 -32.01 -12.68 -9.61
C THR A 787 -30.57 -12.48 -9.16
N PHE A 788 -29.92 -13.57 -8.75
CA PHE A 788 -28.52 -13.51 -8.34
C PHE A 788 -27.65 -13.15 -9.54
N PRO A 789 -26.62 -12.31 -9.34
CA PRO A 789 -26.25 -11.68 -8.06
C PRO A 789 -26.80 -10.26 -7.89
N LYS A 790 -27.87 -9.92 -8.61
CA LYS A 790 -28.46 -8.59 -8.51
C LYS A 790 -29.11 -8.36 -7.15
N SER A 791 -29.46 -9.45 -6.46
CA SER A 791 -30.07 -9.36 -5.15
C SER A 791 -29.11 -9.82 -4.05
N ARG A 792 -28.53 -11.00 -4.25
CA ARG A 792 -27.56 -11.57 -3.31
C ARG A 792 -28.16 -11.73 -1.91
N GLU A 793 -29.40 -12.19 -1.87
CA GLU A 793 -30.15 -12.31 -0.62
C GLU A 793 -30.36 -13.78 -0.26
N THR A 794 -29.97 -14.16 0.95
CA THR A 794 -30.04 -15.55 1.38
C THR A 794 -30.60 -15.70 2.80
N ARG A 795 -31.40 -16.73 3.02
CA ARG A 795 -31.82 -17.09 4.38
C ARG A 795 -32.01 -18.60 4.50
N ALA A 796 -32.10 -19.10 5.74
CA ALA A 796 -32.23 -20.53 5.98
C ALA A 796 -33.66 -21.00 5.75
N PRO A 797 -33.82 -22.05 4.95
CA PRO A 797 -35.13 -22.63 4.66
C PRO A 797 -35.73 -23.26 5.92
N LEU A 798 -37.00 -22.96 6.19
CA LEU A 798 -37.68 -23.54 7.34
C LEU A 798 -38.09 -24.98 7.04
N VAL A 799 -38.15 -25.81 8.08
CA VAL A 799 -38.59 -27.19 7.93
C VAL A 799 -40.01 -27.24 7.38
N GLU A 800 -40.79 -26.22 7.72
CA GLU A 800 -42.14 -26.07 7.19
C GLU A 800 -42.11 -25.72 5.70
N GLU A 801 -40.99 -25.16 5.26
CA GLU A 801 -40.82 -24.78 3.86
CA PHE A 805 -42.74 -27.91 -0.72
C PHE A 805 -42.02 -29.24 -0.89
N ARG A 806 -42.36 -30.20 -0.02
CA ARG A 806 -41.71 -31.50 -0.03
C ARG A 806 -41.89 -32.27 -1.35
N ASP A 807 -43.00 -31.98 -2.03
CA ASP A 807 -43.32 -32.65 -3.29
C ASP A 807 -42.38 -32.26 -4.41
N ARG A 808 -41.79 -31.07 -4.31
CA ARG A 808 -40.87 -30.58 -5.33
C ARG A 808 -39.41 -30.79 -4.93
N LEU A 809 -39.21 -31.38 -3.75
CA LEU A 809 -37.87 -31.66 -3.24
C LEU A 809 -37.19 -32.73 -4.09
N PRO A 810 -36.11 -32.35 -4.79
CA PRO A 810 -35.40 -33.26 -5.69
C PRO A 810 -34.54 -34.25 -4.93
N GLU A 811 -34.43 -35.47 -5.43
CA GLU A 811 -33.50 -36.48 -4.91
C GLU A 811 -33.63 -36.74 -3.42
N LYS A 812 -32.49 -36.78 -2.74
CA LYS A 812 -32.43 -37.18 -1.35
C LYS A 812 -32.58 -36.03 -0.35
N LEU A 813 -32.91 -34.84 -0.85
CA LEU A 813 -33.07 -33.68 0.01
C LEU A 813 -34.31 -33.75 0.91
N ARG A 814 -35.07 -34.83 0.76
CA ARG A 814 -36.31 -35.01 1.52
C ARG A 814 -36.12 -35.34 2.99
N TYR A 815 -34.91 -35.76 3.36
CA TYR A 815 -34.61 -36.06 4.75
C TYR A 815 -34.85 -34.84 5.64
N LEU A 816 -34.53 -33.67 5.10
CA LEU A 816 -34.77 -32.42 5.80
C LEU A 816 -36.25 -32.05 5.75
N ALA A 817 -36.89 -32.39 4.65
CA ALA A 817 -38.31 -32.11 4.45
C ALA A 817 -39.19 -33.05 5.29
N ASP A 818 -38.56 -34.03 5.93
CA ASP A 818 -39.27 -34.95 6.80
C ASP A 818 -39.84 -34.19 8.00
N ALA A 819 -39.12 -33.15 8.41
CA ALA A 819 -39.51 -32.27 9.53
C ALA A 819 -39.51 -32.98 10.89
N PRO A 820 -39.32 -32.21 11.98
CA PRO A 820 -39.38 -32.79 13.32
C PRO A 820 -40.77 -32.64 13.95
N ASN A 827 -41.19 -22.67 19.35
CA ASN A 827 -40.01 -22.49 18.51
C ASN A 827 -40.18 -23.16 17.14
N LYS A 828 -39.88 -22.42 16.08
CA LYS A 828 -39.98 -22.93 14.73
C LYS A 828 -38.63 -23.37 14.18
N THR A 829 -38.59 -24.55 13.57
CA THR A 829 -37.34 -25.14 13.11
C THR A 829 -36.80 -24.51 11.83
N MET A 830 -35.48 -24.50 11.70
CA MET A 830 -34.81 -24.00 10.50
C MET A 830 -33.60 -24.88 10.18
N VAL A 831 -33.28 -25.03 8.91
CA VAL A 831 -32.19 -25.90 8.49
C VAL A 831 -30.81 -25.27 8.74
N ARG A 832 -29.96 -26.00 9.45
CA ARG A 832 -28.62 -25.55 9.77
C ARG A 832 -27.59 -26.40 9.05
N PHE A 833 -26.31 -26.18 9.37
CA PHE A 833 -25.22 -26.97 8.82
C PHE A 833 -24.01 -26.95 9.75
N SER A 834 -23.24 -28.03 9.75
CA SER A 834 -22.07 -28.13 10.62
C SER A 834 -20.82 -28.49 9.84
N ARG A 835 -19.80 -27.63 9.94
CA ARG A 835 -18.54 -27.82 9.22
C ARG A 835 -17.79 -29.06 9.71
N LYS A 836 -17.81 -29.27 11.01
CA LYS A 836 -17.13 -30.43 11.61
C LYS A 836 -17.80 -31.73 11.20
N THR A 837 -19.10 -31.82 11.44
CA THR A 837 -19.84 -33.05 11.17
C THR A 837 -20.03 -33.32 9.69
N LYS A 838 -19.97 -32.25 8.89
CA LYS A 838 -20.18 -32.33 7.44
C LYS A 838 -21.55 -32.95 7.11
N GLN A 839 -22.48 -32.81 8.05
CA GLN A 839 -23.83 -33.30 7.88
C GLN A 839 -24.80 -32.16 8.18
N GLN A 840 -25.96 -32.19 7.54
CA GLN A 840 -26.94 -31.12 7.69
C GLN A 840 -27.92 -31.42 8.82
N TYR A 841 -28.11 -30.44 9.69
CA TYR A 841 -29.03 -30.59 10.83
C TYR A 841 -29.99 -29.42 10.91
N VAL A 842 -30.78 -29.37 11.98
CA VAL A 842 -31.77 -28.31 12.14
C VAL A 842 -31.88 -27.84 13.60
N SER A 843 -32.12 -26.54 13.77
CA SER A 843 -32.32 -25.97 15.09
C SER A 843 -33.49 -25.01 15.09
N SER A 844 -33.74 -24.37 16.23
CA SER A 844 -34.84 -23.43 16.35
C SER A 844 -34.56 -22.40 17.44
N GLU A 845 -35.05 -21.18 17.25
CA GLU A 845 -34.87 -20.12 18.23
C GLU A 845 -36.01 -19.10 18.16
N LYS A 846 -35.85 -17.99 18.87
CA LYS A 846 -36.85 -16.94 18.89
C LYS A 846 -36.25 -15.62 19.39
N GLY A 852 -32.98 -22.07 21.57
CA GLY A 852 -31.77 -22.82 21.85
C GLY A 852 -31.93 -24.30 21.57
N TRP A 853 -33.14 -24.68 21.15
CA TRP A 853 -33.43 -26.06 20.82
C TRP A 853 -32.64 -26.52 19.60
N SER A 854 -32.27 -27.79 19.58
CA SER A 854 -31.50 -28.35 18.48
C SER A 854 -31.64 -29.87 18.39
N ALA A 855 -31.37 -30.41 17.21
CA ALA A 855 -31.46 -31.85 16.98
C ALA A 855 -30.64 -32.25 15.77
N PHE A 856 -30.35 -33.55 15.65
CA PHE A 856 -29.57 -34.05 14.53
C PHE A 856 -30.25 -35.28 13.91
N TYR A 857 -29.63 -35.83 12.87
CA TYR A 857 -30.16 -37.02 12.21
C TYR A 857 -29.06 -38.01 11.91
N VAL A 858 -29.44 -39.22 11.50
CA VAL A 858 -28.48 -40.28 11.20
C VAL A 858 -28.95 -41.14 10.04
N ASP A 859 -28.40 -42.35 9.95
CA ASP A 859 -28.76 -43.28 8.90
C ASP A 859 -30.18 -43.82 9.09
N GLY A 860 -30.64 -43.82 10.34
CA GLY A 860 -31.97 -44.29 10.66
C GLY A 860 -33.03 -43.21 10.44
N LYS A 861 -33.07 -42.25 11.36
CA LYS A 861 -34.05 -41.17 11.27
C LYS A 861 -33.58 -39.93 12.02
N TRP A 862 -34.51 -39.23 12.67
CA TRP A 862 -34.19 -38.03 13.43
C TRP A 862 -34.21 -38.32 14.93
N VAL A 863 -33.57 -37.45 15.71
CA VAL A 863 -33.46 -37.65 17.15
C VAL A 863 -33.27 -36.34 17.90
N GLU A 864 -33.94 -36.22 19.05
CA GLU A 864 -33.83 -35.04 19.90
C GLU A 864 -34.00 -35.38 21.37
ZN ZN C . -17.96 -5.93 -33.59
ZN ZN D . 4.90 4.60 -29.33
ZN ZN E . -21.38 -29.15 -22.69
ZN ZN F . -5.46 33.33 -4.81
ZN ZN F . -4.97 32.16 -4.63
S SO4 G . -14.18 11.00 1.55
O1 SO4 G . -13.54 11.39 2.80
O2 SO4 G . -13.18 10.98 0.49
O3 SO4 G . -14.76 9.68 1.69
O4 SO4 G . -15.22 11.96 1.20
S SO4 H . -0.22 20.52 15.14
O1 SO4 H . 0.00 21.33 16.34
O2 SO4 H . 1.06 20.16 14.55
O3 SO4 H . -0.94 19.30 15.51
O4 SO4 H . -1.02 21.28 14.19
S SO4 I . 4.50 -4.61 0.39
O1 SO4 I . 5.23 -4.97 1.60
O2 SO4 I . 4.64 -5.68 -0.59
O3 SO4 I . 3.08 -4.43 0.71
O4 SO4 I . 5.02 -3.37 -0.16
S SO4 J . 13.84 -4.12 -0.39
O1 SO4 J . 14.58 -4.69 0.72
O2 SO4 J . 14.76 -3.86 -1.51
O3 SO4 J . 12.80 -5.04 -0.81
O4 SO4 J . 13.23 -2.85 0.03
C1 GOL K . -15.40 22.84 13.08
O1 GOL K . -16.11 21.91 12.29
C2 GOL K . -16.30 23.39 14.18
O2 GOL K . -16.89 24.60 13.75
C3 GOL K . -15.47 23.65 15.43
O3 GOL K . -16.19 24.44 16.33
#